data_6W5F
#
_entry.id   6W5F
#
_cell.length_a   67.264
_cell.length_b   67.271
_cell.length_c   254.599
_cell.angle_alpha   90.000
_cell.angle_beta   90.000
_cell.angle_gamma   90.000
#
_symmetry.space_group_name_H-M   'P 21 21 21'
#
loop_
_entity.id
_entity.type
_entity.pdbx_description
1 polymer 'BSU-2delta mutant'
2 polymer 'BSU-2delta mutant'
3 non-polymer 1,2-ETHANEDIOL
4 non-polymer DI(HYDROXYETHYL)ETHER
5 non-polymer 'MALONATE ION'
6 water water
#
loop_
_entity_poly.entity_id
_entity_poly.type
_entity_poly.pdbx_seq_one_letter_code
_entity_poly.pdbx_strand_id
1 'polypeptide(L)'
;MKKWIYVVLVLSIAGIGGFSVHAASSAHEKHLNVSKMNVDDEFKDTDGTFILHDLQKDQTFVYNRKRANQRQTPQSTF
(KCX)VVNALIGLQVKAVRDEYDVKRWDGVKREFESWNRDHTLGSAMRESAIWYYQALARDIGEERMKTWLHTLSYGNED
ISGGIDQFWLQSSLTISPLEQETFLEKLAKEELPFDKPVMKIVKRMMIQEEGDHYTLYGKTGTDMGLGWFVGFIKTEHGS
YVFVTNVDDSGTKAKNITVDILKKYGLITS
;
A,C
2 'polypeptide(L)'
;MKKWIYVVLVLSIAGIGGFSVHAASSAHEKHLNVSKMNVDDEFKDTDGTFILHDLQKDQTFVYNRKRANQRQTPQSTFKV
VNALIGLQVKAVRDEYDVKRWDGVKREFESWNRDHTLGSAMRESAIWYYQALARDIGEERMKTWLHTLSYGNEDISGGID
QFWLQSSLTISPLEQETFLEKLAKEELPFDKPVMKIVKRMMIQEEGDHYTLYGKTGTDMGLGWFVGFIKTEHGSYVFVTN
VDDSGTKAKNITVDILKKYGLITS
;
B,D
#
# COMPACT_ATOMS: atom_id res chain seq x y z
N LYS A 30 -22.13 10.73 44.92
CA LYS A 30 -23.37 10.23 44.32
C LYS A 30 -23.12 8.91 43.58
N HIS A 31 -21.87 8.44 43.64
CA HIS A 31 -21.48 7.23 42.91
C HIS A 31 -22.04 5.98 43.59
N LEU A 32 -22.42 5.00 42.78
CA LEU A 32 -23.16 3.84 43.27
C LEU A 32 -22.34 2.99 44.24
N ASN A 33 -22.97 2.69 45.38
CA ASN A 33 -22.47 1.72 46.36
C ASN A 33 -23.40 0.51 46.27
N VAL A 34 -22.94 -0.57 45.62
CA VAL A 34 -23.86 -1.68 45.37
C VAL A 34 -24.32 -2.33 46.67
N SER A 35 -23.57 -2.20 47.77
CA SER A 35 -23.97 -2.81 49.02
CA SER A 35 -23.99 -2.83 49.01
C SER A 35 -25.22 -2.17 49.61
N LYS A 36 -25.62 -0.99 49.13
CA LYS A 36 -26.80 -0.31 49.62
C LYS A 36 -28.01 -0.49 48.71
N MET A 37 -27.90 -1.35 47.71
CA MET A 37 -29.01 -1.55 46.80
C MET A 37 -30.15 -2.31 47.47
N ASN A 38 -31.35 -2.12 46.92
CA ASN A 38 -32.51 -2.92 47.30
C ASN A 38 -33.32 -3.16 46.03
N VAL A 39 -33.62 -4.42 45.73
CA VAL A 39 -34.37 -4.76 44.53
C VAL A 39 -35.65 -5.53 44.86
N ASP A 40 -36.15 -5.37 46.08
CA ASP A 40 -37.40 -6.03 46.47
C ASP A 40 -38.53 -5.70 45.50
N ASP A 41 -38.66 -4.43 45.13
CA ASP A 41 -39.80 -4.02 44.31
C ASP A 41 -39.79 -4.72 42.95
N GLU A 42 -38.61 -4.86 42.35
CA GLU A 42 -38.50 -5.49 41.04
C GLU A 42 -38.84 -6.97 41.09
N PHE A 43 -38.70 -7.61 42.26
CA PHE A 43 -38.98 -9.03 42.42
C PHE A 43 -40.30 -9.28 43.17
N LYS A 44 -41.19 -8.29 43.20
CA LYS A 44 -42.39 -8.38 44.05
C LYS A 44 -43.24 -9.60 43.71
N ASP A 45 -43.34 -9.95 42.43
CA ASP A 45 -44.19 -11.06 42.03
C ASP A 45 -43.39 -12.09 41.22
N THR A 46 -42.09 -12.15 41.43
CA THR A 46 -41.24 -13.11 40.73
C THR A 46 -40.26 -13.73 41.71
N ASP A 47 -40.18 -15.04 41.71
CA ASP A 47 -39.17 -15.75 42.48
C ASP A 47 -37.87 -15.73 41.69
N GLY A 48 -36.79 -15.22 42.29
CA GLY A 48 -35.57 -15.10 41.51
C GLY A 48 -34.40 -14.62 42.33
N THR A 49 -33.26 -14.47 41.65
CA THR A 49 -32.03 -14.01 42.28
C THR A 49 -31.37 -13.00 41.35
N PHE A 50 -30.60 -12.09 41.95
CA PHE A 50 -29.92 -11.03 41.19
C PHE A 50 -28.57 -10.78 41.86
N ILE A 51 -27.52 -10.76 41.04
CA ILE A 51 -26.15 -10.48 41.49
C ILE A 51 -25.62 -9.32 40.66
N LEU A 52 -25.06 -8.31 41.34
CA LEU A 52 -24.37 -7.21 40.65
C LEU A 52 -22.99 -7.06 41.27
N HIS A 53 -21.95 -7.22 40.46
CA HIS A 53 -20.59 -7.07 40.93
C HIS A 53 -19.98 -5.82 40.33
N ASP A 54 -19.53 -4.92 41.20
CA ASP A 54 -18.78 -3.74 40.83
C ASP A 54 -17.33 -4.15 40.60
N LEU A 55 -16.88 -4.13 39.33
CA LEU A 55 -15.55 -4.63 39.00
C LEU A 55 -14.44 -3.75 39.53
N GLN A 56 -14.66 -2.43 39.58
CA GLN A 56 -13.55 -1.54 39.91
C GLN A 56 -13.39 -1.38 41.41
N LYS A 57 -14.48 -1.27 42.16
CA LYS A 57 -14.38 -1.26 43.62
C LYS A 57 -14.20 -2.65 44.21
N ASP A 58 -14.58 -3.70 43.47
CA ASP A 58 -14.60 -5.07 43.95
C ASP A 58 -15.59 -5.21 45.11
N GLN A 59 -16.87 -5.10 44.75
CA GLN A 59 -17.95 -5.13 45.72
C GLN A 59 -19.14 -5.77 45.04
N THR A 60 -19.89 -6.59 45.78
CA THR A 60 -20.98 -7.38 45.20
C THR A 60 -22.26 -7.22 46.01
N PHE A 61 -23.38 -7.08 45.29
CA PHE A 61 -24.71 -7.13 45.86
C PHE A 61 -25.37 -8.43 45.42
N VAL A 62 -25.99 -9.15 46.37
CA VAL A 62 -26.71 -10.37 46.07
C VAL A 62 -28.11 -10.30 46.66
N TYR A 63 -29.11 -10.54 45.83
CA TYR A 63 -30.50 -10.74 46.25
C TYR A 63 -30.83 -12.22 46.13
N ASN A 64 -31.30 -12.81 47.23
CA ASN A 64 -31.69 -14.22 47.33
C ASN A 64 -30.48 -15.14 47.13
N ARG A 65 -29.59 -15.15 48.13
CA ARG A 65 -28.36 -15.93 48.04
C ARG A 65 -28.64 -17.42 47.99
N LYS A 66 -29.71 -17.89 48.63
CA LYS A 66 -30.04 -19.31 48.56
C LYS A 66 -30.28 -19.75 47.13
N ARG A 67 -31.11 -19.00 46.40
CA ARG A 67 -31.33 -19.35 44.99
C ARG A 67 -30.08 -19.12 44.16
N ALA A 68 -29.26 -18.14 44.52
CA ALA A 68 -28.04 -17.92 43.76
C ALA A 68 -27.11 -19.12 43.81
N ASN A 69 -27.30 -20.00 44.80
CA ASN A 69 -26.45 -21.16 44.97
C ASN A 69 -27.00 -22.42 44.32
N GLN A 70 -28.20 -22.37 43.74
CA GLN A 70 -28.82 -23.56 43.20
C GLN A 70 -28.44 -23.72 41.73
N ARG A 71 -27.89 -24.88 41.38
CA ARG A 71 -27.52 -25.12 40.00
C ARG A 71 -28.76 -25.36 39.14
N GLN A 72 -28.71 -24.86 37.92
CA GLN A 72 -29.73 -25.04 36.94
C GLN A 72 -29.12 -25.18 35.55
N THR A 73 -29.90 -25.67 34.61
CA THR A 73 -29.38 -25.77 33.26
CA THR A 73 -29.37 -25.77 33.26
C THR A 73 -29.09 -24.38 32.72
N PRO A 74 -27.99 -24.17 31.99
CA PRO A 74 -27.66 -22.83 31.51
C PRO A 74 -28.49 -22.37 30.34
N GLN A 75 -29.08 -23.30 29.58
CA GLN A 75 -29.83 -22.94 28.38
C GLN A 75 -28.98 -22.04 27.48
N SER A 76 -29.57 -21.06 26.81
CA SER A 76 -28.76 -20.35 25.83
C SER A 76 -27.73 -19.40 26.41
N THR A 77 -27.64 -19.24 27.75
CA THR A 77 -26.47 -18.54 28.26
C THR A 77 -25.19 -19.30 27.96
N PHE A 78 -25.30 -20.58 27.63
CA PHE A 78 -24.12 -21.36 27.29
C PHE A 78 -23.50 -20.90 25.97
N VAL A 80 -22.27 -18.19 25.30
CA VAL A 80 -21.07 -17.45 25.63
C VAL A 80 -19.87 -18.38 25.64
N VAL A 81 -20.01 -19.52 26.33
CA VAL A 81 -18.93 -20.49 26.46
C VAL A 81 -18.65 -21.18 25.12
N ASN A 82 -19.73 -21.60 24.45
CA ASN A 82 -19.61 -22.23 23.14
C ASN A 82 -18.83 -21.34 22.18
N ALA A 83 -19.13 -20.05 22.17
CA ALA A 83 -18.44 -19.13 21.27
C ALA A 83 -16.96 -19.00 21.63
N LEU A 84 -16.65 -18.92 22.94
CA LEU A 84 -15.26 -18.83 23.37
C LEU A 84 -14.46 -20.05 22.93
N ILE A 85 -15.00 -21.25 23.19
CA ILE A 85 -14.28 -22.46 22.85
C ILE A 85 -14.19 -22.63 21.34
N GLY A 86 -15.29 -22.35 20.63
CA GLY A 86 -15.29 -22.48 19.18
C GLY A 86 -14.27 -21.59 18.50
N LEU A 87 -14.18 -20.33 18.93
CA LEU A 87 -13.15 -19.46 18.37
C LEU A 87 -11.77 -19.93 18.77
N GLN A 88 -11.61 -20.32 20.04
CA GLN A 88 -10.30 -20.72 20.55
C GLN A 88 -9.71 -21.88 19.75
N VAL A 89 -10.52 -22.89 19.40
CA VAL A 89 -10.00 -24.06 18.69
C VAL A 89 -10.22 -23.94 17.18
N LYS A 90 -10.56 -22.75 16.70
CA LYS A 90 -10.74 -22.45 15.28
C LYS A 90 -11.81 -23.30 14.60
N ALA A 91 -12.82 -23.72 15.37
CA ALA A 91 -13.99 -24.33 14.75
C ALA A 91 -14.84 -23.31 14.00
N VAL A 92 -14.73 -22.03 14.37
CA VAL A 92 -15.27 -20.92 13.62
C VAL A 92 -14.18 -19.85 13.56
N ARG A 93 -14.27 -19.00 12.55
CA ARG A 93 -13.20 -18.06 12.21
CA ARG A 93 -13.20 -18.06 12.21
C ARG A 93 -13.28 -16.77 13.01
N ASP A 94 -14.47 -16.21 13.17
CA ASP A 94 -14.69 -14.92 13.83
C ASP A 94 -16.20 -14.75 13.99
N GLU A 95 -16.63 -13.57 14.45
CA GLU A 95 -18.05 -13.30 14.67
C GLU A 95 -18.87 -13.28 13.38
N TYR A 96 -18.22 -13.27 12.22
CA TYR A 96 -18.88 -13.20 10.91
C TYR A 96 -18.90 -14.53 10.16
N ASP A 97 -18.52 -15.62 10.82
CA ASP A 97 -18.42 -16.92 10.14
C ASP A 97 -19.82 -17.40 9.77
N VAL A 98 -20.12 -17.47 8.46
CA VAL A 98 -21.46 -17.74 7.96
C VAL A 98 -21.70 -19.25 7.86
N LYS A 99 -22.79 -19.71 8.46
CA LYS A 99 -23.35 -21.02 8.19
C LYS A 99 -24.68 -20.81 7.47
N ARG A 100 -24.84 -21.41 6.30
CA ARG A 100 -26.06 -21.24 5.53
C ARG A 100 -27.22 -22.01 6.14
N TRP A 101 -28.37 -21.35 6.19
CA TRP A 101 -29.61 -21.98 6.61
C TRP A 101 -29.97 -23.11 5.65
N ASP A 102 -30.41 -24.25 6.20
CA ASP A 102 -30.79 -25.37 5.36
C ASP A 102 -32.18 -25.24 4.74
N GLY A 103 -32.95 -24.22 5.07
CA GLY A 103 -34.28 -24.05 4.55
C GLY A 103 -35.38 -24.67 5.38
N VAL A 104 -35.06 -25.32 6.49
CA VAL A 104 -36.06 -25.92 7.36
C VAL A 104 -36.64 -24.84 8.26
N LYS A 105 -37.98 -24.73 8.29
CA LYS A 105 -38.65 -23.75 9.14
C LYS A 105 -38.61 -24.22 10.59
N ARG A 106 -37.85 -23.52 11.42
CA ARG A 106 -37.78 -23.84 12.84
C ARG A 106 -38.68 -22.88 13.63
N GLU A 107 -38.55 -22.89 14.97
CA GLU A 107 -39.60 -22.36 15.85
C GLU A 107 -39.74 -20.84 15.81
N PHE A 108 -38.70 -20.12 15.41
CA PHE A 108 -38.75 -18.66 15.39
C PHE A 108 -38.24 -18.15 14.05
N GLU A 109 -38.93 -17.14 13.52
CA GLU A 109 -38.60 -16.68 12.17
C GLU A 109 -37.17 -16.17 12.08
N SER A 110 -36.64 -15.57 13.15
CA SER A 110 -35.28 -15.04 13.06
C SER A 110 -34.23 -16.15 12.99
N TRP A 111 -34.62 -17.39 13.26
CA TRP A 111 -33.74 -18.53 13.08
C TRP A 111 -33.67 -19.00 11.64
N ASN A 112 -34.65 -18.62 10.82
CA ASN A 112 -34.83 -19.19 9.48
C ASN A 112 -34.16 -18.30 8.44
N ARG A 113 -32.83 -18.21 8.55
CA ARG A 113 -32.01 -17.36 7.70
C ARG A 113 -30.56 -17.78 7.90
N ASP A 114 -29.69 -17.41 6.96
CA ASP A 114 -28.26 -17.60 7.17
C ASP A 114 -27.83 -16.86 8.44
N HIS A 115 -26.92 -17.48 9.20
CA HIS A 115 -26.45 -16.88 10.43
C HIS A 115 -24.93 -16.89 10.50
N THR A 116 -24.40 -15.94 11.28
CA THR A 116 -23.01 -15.97 11.70
C THR A 116 -22.92 -16.29 13.18
N LEU A 117 -21.69 -16.48 13.66
CA LEU A 117 -21.52 -16.72 15.08
C LEU A 117 -22.14 -15.61 15.91
N GLY A 118 -21.94 -14.37 15.48
CA GLY A 118 -22.49 -13.24 16.22
C GLY A 118 -23.99 -13.07 16.07
N SER A 119 -24.52 -13.24 14.85
CA SER A 119 -25.96 -13.09 14.70
C SER A 119 -26.71 -14.23 15.38
N ALA A 120 -26.14 -15.43 15.40
CA ALA A 120 -26.81 -16.53 16.08
C ALA A 120 -26.80 -16.34 17.58
N MET A 121 -25.79 -15.66 18.13
CA MET A 121 -25.86 -15.28 19.54
CA MET A 121 -25.85 -15.28 19.54
C MET A 121 -26.97 -14.26 19.76
N ARG A 122 -27.01 -13.22 18.92
CA ARG A 122 -27.99 -12.16 19.09
C ARG A 122 -29.42 -12.71 19.00
N GLU A 123 -29.68 -13.62 18.07
CA GLU A 123 -31.01 -14.18 17.88
CA GLU A 123 -31.02 -14.16 17.90
C GLU A 123 -31.21 -15.51 18.59
N SER A 124 -30.20 -16.00 19.31
CA SER A 124 -30.27 -17.28 20.03
CA SER A 124 -30.30 -17.26 20.04
C SER A 124 -30.62 -18.42 19.09
N ALA A 125 -29.98 -18.44 17.92
CA ALA A 125 -30.24 -19.47 16.91
C ALA A 125 -29.52 -20.76 17.30
N ILE A 126 -30.25 -21.63 17.99
CA ILE A 126 -29.68 -22.84 18.57
C ILE A 126 -29.00 -23.71 17.50
N TRP A 127 -29.61 -23.82 16.31
CA TRP A 127 -29.05 -24.72 15.31
C TRP A 127 -27.62 -24.36 14.95
N TYR A 128 -27.30 -23.07 14.91
CA TYR A 128 -25.93 -22.66 14.60
C TYR A 128 -24.97 -23.17 15.67
N TYR A 129 -25.33 -22.99 16.93
CA TYR A 129 -24.44 -23.38 18.02
C TYR A 129 -24.41 -24.88 18.23
N GLN A 130 -25.42 -25.62 17.76
CA GLN A 130 -25.32 -27.07 17.76
C GLN A 130 -24.31 -27.55 16.73
N ALA A 131 -24.31 -26.94 15.55
CA ALA A 131 -23.30 -27.29 14.55
C ALA A 131 -21.91 -26.97 15.06
N LEU A 132 -21.77 -25.83 15.75
CA LEU A 132 -20.49 -25.45 16.32
C LEU A 132 -20.04 -26.46 17.35
N ALA A 133 -20.94 -26.89 18.26
CA ALA A 133 -20.55 -27.83 19.30
C ALA A 133 -20.12 -29.16 18.69
N ARG A 134 -20.81 -29.63 17.66
CA ARG A 134 -20.39 -30.86 17.01
C ARG A 134 -18.99 -30.73 16.44
N ASP A 135 -18.66 -29.56 15.88
CA ASP A 135 -17.33 -29.36 15.33
C ASP A 135 -16.28 -29.28 16.43
N ILE A 136 -16.62 -28.65 17.56
CA ILE A 136 -15.69 -28.62 18.69
C ILE A 136 -15.38 -30.03 19.15
N GLY A 137 -16.41 -30.84 19.35
CA GLY A 137 -16.23 -32.22 19.74
C GLY A 137 -16.05 -32.40 21.23
N GLU A 138 -16.25 -33.64 21.67
CA GLU A 138 -16.34 -33.98 23.09
C GLU A 138 -15.04 -33.65 23.83
N GLU A 139 -13.89 -34.05 23.27
CA GLU A 139 -12.64 -33.89 24.01
C GLU A 139 -12.31 -32.42 24.23
N ARG A 140 -12.36 -31.61 23.18
CA ARG A 140 -12.04 -30.19 23.36
C ARG A 140 -13.09 -29.49 24.19
N MET A 141 -14.36 -29.86 24.03
CA MET A 141 -15.39 -29.24 24.85
C MET A 141 -15.16 -29.52 26.33
N LYS A 142 -14.92 -30.79 26.68
CA LYS A 142 -14.73 -31.15 28.08
C LYS A 142 -13.50 -30.47 28.66
N THR A 143 -12.40 -30.43 27.91
CA THR A 143 -11.15 -29.88 28.43
C THR A 143 -11.30 -28.39 28.72
N TRP A 144 -11.86 -27.62 27.77
CA TRP A 144 -11.96 -26.19 27.97
C TRP A 144 -13.03 -25.86 29.01
N LEU A 145 -14.11 -26.64 29.07
CA LEU A 145 -15.10 -26.42 30.10
C LEU A 145 -14.52 -26.60 31.50
N HIS A 146 -13.53 -27.49 31.64
CA HIS A 146 -12.89 -27.69 32.93
C HIS A 146 -12.10 -26.47 33.39
N THR A 147 -11.66 -25.60 32.48
CA THR A 147 -10.92 -24.40 32.85
C THR A 147 -11.81 -23.29 33.38
N LEU A 148 -13.11 -23.39 33.17
CA LEU A 148 -14.04 -22.31 33.51
C LEU A 148 -14.73 -22.54 34.83
N SER A 149 -14.50 -23.68 35.47
CA SER A 149 -15.24 -24.07 36.67
C SER A 149 -16.74 -23.94 36.42
N TYR A 150 -17.18 -24.52 35.30
CA TYR A 150 -18.51 -24.24 34.78
C TYR A 150 -19.51 -25.24 35.36
N GLY A 151 -19.92 -24.96 36.59
CA GLY A 151 -20.92 -25.79 37.24
C GLY A 151 -20.46 -27.22 37.36
N ASN A 152 -21.37 -28.15 37.08
CA ASN A 152 -21.03 -29.57 37.22
C ASN A 152 -20.25 -30.10 36.03
N GLU A 153 -20.05 -29.29 34.99
CA GLU A 153 -19.19 -29.63 33.85
C GLU A 153 -19.60 -30.95 33.19
N ASP A 154 -20.88 -31.31 33.28
CA ASP A 154 -21.37 -32.61 32.82
C ASP A 154 -21.95 -32.45 31.42
N ILE A 155 -21.24 -33.00 30.43
CA ILE A 155 -21.69 -32.92 29.04
C ILE A 155 -22.21 -34.26 28.54
N SER A 156 -22.52 -35.19 29.45
CA SER A 156 -22.92 -36.54 29.08
C SER A 156 -24.28 -36.59 28.39
N GLY A 157 -25.06 -35.51 28.45
CA GLY A 157 -26.31 -35.45 27.71
C GLY A 157 -26.15 -35.42 26.20
N GLY A 158 -24.94 -35.26 25.70
CA GLY A 158 -24.69 -35.26 24.27
C GLY A 158 -24.08 -33.98 23.76
N ILE A 159 -23.17 -34.08 22.78
CA ILE A 159 -22.32 -32.96 22.40
C ILE A 159 -23.12 -31.74 21.95
N ASP A 160 -24.28 -31.94 21.33
CA ASP A 160 -25.08 -30.81 20.85
C ASP A 160 -26.39 -30.64 21.61
N GLN A 161 -26.48 -31.23 22.81
CA GLN A 161 -27.68 -31.16 23.63
C GLN A 161 -27.43 -30.81 25.10
N PHE A 162 -26.19 -30.89 25.59
CA PHE A 162 -25.97 -30.96 27.03
C PHE A 162 -26.33 -29.68 27.77
N TRP A 163 -26.41 -28.53 27.08
CA TRP A 163 -26.76 -27.26 27.73
C TRP A 163 -28.25 -26.96 27.65
N LEU A 164 -29.04 -27.85 27.03
CA LEU A 164 -30.46 -27.59 26.75
C LEU A 164 -31.29 -28.56 27.59
N GLN A 165 -31.66 -28.13 28.79
CA GLN A 165 -32.45 -28.93 29.73
C GLN A 165 -31.89 -30.35 29.85
N SER A 166 -30.59 -30.42 30.11
CA SER A 166 -29.91 -31.70 30.01
C SER A 166 -28.91 -31.85 31.15
N SER A 167 -27.72 -32.41 30.88
CA SER A 167 -26.84 -32.84 31.96
C SER A 167 -26.12 -31.68 32.64
N LEU A 168 -25.82 -30.61 31.90
CA LEU A 168 -25.00 -29.54 32.44
C LEU A 168 -25.84 -28.60 33.29
N THR A 169 -25.36 -28.28 34.49
CA THR A 169 -26.01 -27.32 35.37
C THR A 169 -24.96 -26.40 35.97
N ILE A 170 -25.42 -25.20 36.35
CA ILE A 170 -24.54 -24.18 36.90
C ILE A 170 -25.37 -23.24 37.75
N SER A 171 -24.81 -22.80 38.87
CA SER A 171 -25.55 -21.88 39.71
C SER A 171 -25.35 -20.44 39.28
N PRO A 172 -26.27 -19.54 39.65
CA PRO A 172 -26.04 -18.12 39.35
C PRO A 172 -24.72 -17.59 39.90
N LEU A 173 -24.32 -17.99 41.11
CA LEU A 173 -23.03 -17.56 41.64
C LEU A 173 -21.89 -18.07 40.78
N GLU A 174 -21.97 -19.31 40.29
CA GLU A 174 -20.92 -19.84 39.43
C GLU A 174 -20.89 -19.12 38.08
N GLN A 175 -22.06 -18.74 37.56
CA GLN A 175 -22.09 -17.92 36.35
C GLN A 175 -21.39 -16.59 36.59
N GLU A 176 -21.68 -15.95 37.73
CA GLU A 176 -21.04 -14.67 38.03
CA GLU A 176 -21.05 -14.68 38.05
C GLU A 176 -19.53 -14.82 38.09
N THR A 177 -19.04 -15.87 38.75
CA THR A 177 -17.60 -16.07 38.86
C THR A 177 -16.96 -16.20 37.49
N PHE A 178 -17.57 -17.01 36.62
CA PHE A 178 -17.07 -17.16 35.26
C PHE A 178 -17.09 -15.84 34.50
N LEU A 179 -18.22 -15.12 34.55
CA LEU A 179 -18.31 -13.88 33.79
C LEU A 179 -17.37 -12.81 34.33
N GLU A 180 -17.11 -12.79 35.65
CA GLU A 180 -16.11 -11.88 36.20
CA GLU A 180 -16.11 -11.88 36.19
C GLU A 180 -14.73 -12.17 35.60
N LYS A 181 -14.38 -13.45 35.48
CA LYS A 181 -13.10 -13.82 34.88
C LYS A 181 -13.07 -13.43 33.40
N LEU A 182 -14.20 -13.55 32.70
CA LEU A 182 -14.24 -13.10 31.31
C LEU A 182 -14.05 -11.59 31.21
N ALA A 183 -14.71 -10.84 32.09
CA ALA A 183 -14.55 -9.38 32.08
C ALA A 183 -13.10 -9.00 32.32
N LYS A 184 -12.45 -9.67 33.28
CA LYS A 184 -11.06 -9.37 33.64
C LYS A 184 -10.06 -10.06 32.72
N GLU A 185 -10.54 -10.90 31.82
CA GLU A 185 -9.72 -11.69 30.89
C GLU A 185 -8.70 -12.55 31.66
N GLU A 186 -9.14 -13.05 32.81
CA GLU A 186 -8.36 -13.99 33.63
C GLU A 186 -8.86 -15.42 33.40
N LEU A 187 -8.79 -15.80 32.13
CA LEU A 187 -9.15 -17.12 31.63
C LEU A 187 -8.07 -17.54 30.64
N PRO A 188 -7.89 -18.84 30.43
CA PRO A 188 -6.79 -19.29 29.57
C PRO A 188 -7.07 -19.21 28.08
N PHE A 189 -8.11 -18.47 27.69
CA PHE A 189 -8.39 -18.21 26.29
C PHE A 189 -7.45 -17.12 25.75
N ASP A 190 -7.28 -17.10 24.42
CA ASP A 190 -6.59 -15.98 23.80
C ASP A 190 -7.33 -14.67 24.10
N LYS A 191 -6.58 -13.60 24.33
CA LYS A 191 -7.24 -12.33 24.62
C LYS A 191 -8.14 -11.84 23.47
N PRO A 192 -7.73 -11.91 22.20
CA PRO A 192 -8.66 -11.46 21.15
C PRO A 192 -9.94 -12.29 21.10
N VAL A 193 -9.87 -13.58 21.44
CA VAL A 193 -11.07 -14.41 21.50
C VAL A 193 -12.03 -13.86 22.53
N MET A 194 -11.52 -13.51 23.71
CA MET A 194 -12.38 -12.97 24.76
C MET A 194 -12.97 -11.62 24.36
N LYS A 195 -12.20 -10.80 23.66
CA LYS A 195 -12.74 -9.50 23.25
C LYS A 195 -13.83 -9.67 22.19
N ILE A 196 -13.67 -10.63 21.29
CA ILE A 196 -14.69 -10.87 20.27
C ILE A 196 -15.99 -11.34 20.90
N VAL A 197 -15.90 -12.26 21.88
CA VAL A 197 -17.13 -12.79 22.48
C VAL A 197 -17.83 -11.71 23.29
N LYS A 198 -17.08 -10.92 24.05
CA LYS A 198 -17.73 -9.83 24.77
C LYS A 198 -18.42 -8.86 23.80
N ARG A 199 -17.75 -8.52 22.69
CA ARG A 199 -18.38 -7.64 21.71
C ARG A 199 -19.67 -8.25 21.16
N MET A 200 -19.68 -9.57 20.91
CA MET A 200 -20.89 -10.22 20.41
C MET A 200 -22.06 -10.14 21.38
N MET A 201 -21.79 -9.94 22.67
CA MET A 201 -22.84 -9.83 23.66
C MET A 201 -23.47 -8.44 23.74
N ILE A 202 -22.95 -7.44 23.02
CA ILE A 202 -23.51 -6.09 23.15
C ILE A 202 -24.97 -6.11 22.74
N GLN A 203 -25.83 -5.59 23.62
CA GLN A 203 -27.26 -5.44 23.36
C GLN A 203 -27.67 -4.01 23.08
N GLU A 204 -27.08 -3.02 23.76
CA GLU A 204 -27.42 -1.62 23.61
C GLU A 204 -26.15 -0.80 23.77
N GLU A 205 -25.89 0.12 22.83
CA GLU A 205 -24.80 1.09 22.95
C GLU A 205 -25.41 2.49 23.00
N GLY A 206 -25.50 3.05 24.21
CA GLY A 206 -26.02 4.40 24.39
C GLY A 206 -24.90 5.43 24.35
N ASP A 207 -25.29 6.66 24.69
CA ASP A 207 -24.33 7.76 24.82
C ASP A 207 -23.43 7.54 26.04
N HIS A 208 -23.99 6.98 27.11
CA HIS A 208 -23.34 6.96 28.40
C HIS A 208 -23.12 5.55 28.96
N TYR A 209 -23.54 4.51 28.25
CA TYR A 209 -23.41 3.16 28.77
C TYR A 209 -23.40 2.19 27.61
N THR A 210 -22.87 1.00 27.85
CA THR A 210 -23.00 -0.14 26.95
C THR A 210 -23.49 -1.32 27.77
N LEU A 211 -24.61 -1.91 27.33
CA LEU A 211 -25.20 -3.08 27.97
C LEU A 211 -24.81 -4.33 27.18
N TYR A 212 -24.26 -5.31 27.88
CA TYR A 212 -23.90 -6.62 27.32
C TYR A 212 -24.77 -7.68 27.98
N GLY A 213 -25.24 -8.67 27.23
CA GLY A 213 -26.06 -9.68 27.88
C GLY A 213 -26.41 -10.84 26.98
N LYS A 214 -26.80 -11.95 27.63
CA LYS A 214 -27.35 -13.11 26.95
C LYS A 214 -28.48 -13.72 27.78
N THR A 215 -29.60 -14.02 27.13
CA THR A 215 -30.74 -14.65 27.77
C THR A 215 -30.66 -16.17 27.69
N GLY A 216 -31.38 -16.82 28.59
CA GLY A 216 -31.73 -18.23 28.44
C GLY A 216 -33.11 -18.46 29.02
N THR A 217 -33.82 -19.46 28.49
CA THR A 217 -35.18 -19.78 28.89
C THR A 217 -35.46 -21.26 28.70
N ASP A 218 -36.10 -21.88 29.69
CA ASP A 218 -36.74 -23.18 29.50
C ASP A 218 -37.51 -23.55 30.76
N MET A 219 -38.71 -24.08 30.56
CA MET A 219 -39.52 -24.66 31.62
C MET A 219 -39.61 -23.73 32.83
N GLY A 220 -39.98 -22.49 32.55
CA GLY A 220 -40.19 -21.51 33.61
C GLY A 220 -38.96 -21.17 34.41
N LEU A 221 -37.78 -21.29 33.80
CA LEU A 221 -36.55 -20.75 34.37
C LEU A 221 -35.93 -19.83 33.33
N GLY A 222 -35.58 -18.64 33.76
CA GLY A 222 -35.11 -17.62 32.84
C GLY A 222 -33.83 -16.99 33.34
N TRP A 223 -32.90 -16.78 32.42
CA TRP A 223 -31.61 -16.19 32.71
C TRP A 223 -31.45 -14.89 31.95
N PHE A 224 -30.72 -13.95 32.55
CA PHE A 224 -30.12 -12.84 31.80
C PHE A 224 -28.80 -12.54 32.49
N VAL A 225 -27.70 -12.72 31.79
CA VAL A 225 -26.36 -12.58 32.37
C VAL A 225 -25.55 -11.68 31.46
N GLY A 226 -24.64 -10.90 32.05
CA GLY A 226 -23.85 -10.02 31.21
C GLY A 226 -23.11 -8.95 31.99
N PHE A 227 -22.95 -7.80 31.35
CA PHE A 227 -22.09 -6.72 31.81
C PHE A 227 -22.76 -5.39 31.51
N ILE A 228 -22.39 -4.38 32.28
CA ILE A 228 -22.71 -3.01 31.88
C ILE A 228 -21.52 -2.13 32.18
N LYS A 229 -21.10 -1.38 31.18
CA LYS A 229 -20.03 -0.40 31.33
C LYS A 229 -20.65 0.98 31.23
N THR A 230 -20.31 1.85 32.18
CA THR A 230 -20.74 3.23 32.19
C THR A 230 -19.51 4.13 32.15
N GLU A 231 -19.77 5.43 32.18
CA GLU A 231 -18.65 6.37 32.25
C GLU A 231 -17.97 6.38 33.60
N HIS A 232 -18.59 5.80 34.63
CA HIS A 232 -18.06 5.83 35.98
C HIS A 232 -17.87 4.46 36.60
N GLY A 233 -17.98 3.38 35.82
CA GLY A 233 -17.83 2.07 36.41
C GLY A 233 -18.08 0.96 35.40
N SER A 234 -17.87 -0.26 35.86
CA SER A 234 -18.00 -1.45 35.04
C SER A 234 -18.50 -2.56 35.95
N TYR A 235 -19.49 -3.32 35.49
CA TYR A 235 -20.22 -4.25 36.36
C TYR A 235 -20.50 -5.56 35.64
N VAL A 236 -20.61 -6.62 36.43
CA VAL A 236 -21.09 -7.92 35.99
C VAL A 236 -22.44 -8.16 36.67
N PHE A 237 -23.40 -8.72 35.93
CA PHE A 237 -24.67 -9.09 36.55
C PHE A 237 -25.10 -10.48 36.14
N VAL A 238 -25.87 -11.12 37.01
CA VAL A 238 -26.52 -12.40 36.75
C VAL A 238 -27.92 -12.35 37.34
N THR A 239 -28.93 -12.60 36.51
CA THR A 239 -30.31 -12.66 36.94
C THR A 239 -30.89 -14.01 36.57
N ASN A 240 -31.60 -14.62 37.51
CA ASN A 240 -32.23 -15.92 37.25
C ASN A 240 -33.58 -15.91 37.94
N VAL A 241 -34.64 -16.29 37.22
CA VAL A 241 -36.00 -16.16 37.73
C VAL A 241 -36.82 -17.39 37.37
N ASP A 242 -37.92 -17.58 38.11
CA ASP A 242 -38.97 -18.53 37.73
C ASP A 242 -39.93 -17.86 36.74
N ASP A 243 -39.40 -17.59 35.57
CA ASP A 243 -40.14 -16.94 34.48
C ASP A 243 -39.25 -17.04 33.24
N SER A 244 -39.60 -16.30 32.20
CA SER A 244 -38.86 -16.34 30.94
C SER A 244 -37.55 -15.56 31.04
N GLY A 245 -36.68 -15.80 30.07
CA GLY A 245 -35.48 -14.98 29.95
C GLY A 245 -35.81 -13.53 29.62
N THR A 246 -36.91 -13.30 28.91
CA THR A 246 -37.37 -11.94 28.67
C THR A 246 -37.70 -11.24 29.98
N LYS A 247 -38.41 -11.93 30.87
CA LYS A 247 -38.70 -11.35 32.19
C LYS A 247 -37.41 -11.10 32.97
N ALA A 248 -36.46 -12.04 32.90
CA ALA A 248 -35.18 -11.85 33.57
C ALA A 248 -34.48 -10.59 33.06
N LYS A 249 -34.51 -10.39 31.74
CA LYS A 249 -33.89 -9.19 31.18
C LYS A 249 -34.63 -7.93 31.62
N ASN A 250 -35.97 -7.96 31.62
CA ASN A 250 -36.73 -6.77 31.98
C ASN A 250 -36.47 -6.38 33.43
N ILE A 251 -36.43 -7.36 34.34
CA ILE A 251 -36.08 -7.08 35.73
C ILE A 251 -34.70 -6.47 35.81
N THR A 252 -33.73 -7.04 35.10
CA THR A 252 -32.37 -6.52 35.14
C THR A 252 -32.32 -5.08 34.65
N VAL A 253 -32.98 -4.80 33.53
CA VAL A 253 -32.93 -3.45 32.98
C VAL A 253 -33.59 -2.46 33.92
N ASP A 254 -34.68 -2.89 34.58
CA ASP A 254 -35.34 -2.01 35.55
C ASP A 254 -34.43 -1.68 36.73
N ILE A 255 -33.69 -2.66 37.23
CA ILE A 255 -32.74 -2.40 38.32
C ILE A 255 -31.64 -1.45 37.86
N LEU A 256 -31.05 -1.73 36.69
CA LEU A 256 -29.96 -0.88 36.21
C LEU A 256 -30.44 0.53 35.92
N LYS A 257 -31.70 0.70 35.47
CA LYS A 257 -32.26 2.04 35.32
C LYS A 257 -32.46 2.72 36.67
N LYS A 258 -33.02 1.99 37.64
CA LYS A 258 -33.28 2.56 38.95
C LYS A 258 -32.02 3.18 39.55
N TYR A 259 -30.89 2.48 39.42
CA TYR A 259 -29.65 2.94 40.01
C TYR A 259 -28.78 3.75 39.05
N GLY A 260 -29.37 4.24 37.96
CA GLY A 260 -28.70 5.23 37.13
C GLY A 260 -27.59 4.71 36.26
N LEU A 261 -27.50 3.39 36.06
CA LEU A 261 -26.49 2.81 35.18
C LEU A 261 -26.94 2.80 33.73
N ILE A 262 -28.23 2.57 33.48
CA ILE A 262 -28.82 2.77 32.16
C ILE A 262 -29.51 4.13 32.16
N THR A 263 -28.98 5.05 31.37
CA THR A 263 -29.63 6.35 31.17
C THR A 263 -29.97 6.56 29.70
N SER A 264 -29.06 7.16 28.94
CA SER A 264 -29.24 7.32 27.50
C SER A 264 -27.91 7.13 26.81
N LYS B 30 -0.16 13.31 31.28
CA LYS B 30 -1.42 12.58 31.15
C LYS B 30 -1.95 12.66 29.72
N HIS B 31 -2.07 13.88 29.20
CA HIS B 31 -2.72 14.11 27.92
C HIS B 31 -1.71 14.47 26.84
N LEU B 32 -1.84 13.83 25.66
CA LEU B 32 -0.94 14.12 24.55
C LEU B 32 -1.44 15.34 23.79
N ASN B 33 -0.68 16.43 23.88
CA ASN B 33 -0.88 17.58 23.00
C ASN B 33 -0.19 17.31 21.67
N VAL B 34 -0.89 17.61 20.56
CA VAL B 34 -0.39 17.19 19.26
C VAL B 34 0.50 18.22 18.56
N SER B 35 0.56 19.46 19.04
CA SER B 35 1.17 20.53 18.24
C SER B 35 2.66 20.32 17.98
N LYS B 36 3.38 19.69 18.91
CA LYS B 36 4.82 19.52 18.78
C LYS B 36 5.23 18.14 18.28
N MET B 37 4.30 17.40 17.69
CA MET B 37 4.65 16.09 17.15
C MET B 37 5.62 16.24 15.99
N ASN B 38 6.40 15.20 15.74
CA ASN B 38 7.24 15.13 14.55
C ASN B 38 7.21 13.70 14.04
N VAL B 39 6.83 13.53 12.77
CA VAL B 39 6.73 12.23 12.15
C VAL B 39 7.59 12.14 10.89
N ASP B 40 8.62 13.01 10.82
CA ASP B 40 9.53 12.99 9.67
C ASP B 40 10.11 11.60 9.45
N ASP B 41 10.53 10.93 10.53
CA ASP B 41 11.16 9.62 10.42
C ASP B 41 10.30 8.64 9.66
N GLU B 42 9.01 8.55 10.03
CA GLU B 42 8.13 7.56 9.43
C GLU B 42 7.92 7.81 7.95
N PHE B 43 8.13 9.04 7.48
CA PHE B 43 7.93 9.38 6.07
C PHE B 43 9.24 9.60 5.33
N LYS B 44 10.33 9.02 5.82
CA LYS B 44 11.64 9.23 5.21
C LYS B 44 11.67 8.74 3.77
N ASP B 45 11.11 7.56 3.52
CA ASP B 45 11.13 6.94 2.19
C ASP B 45 9.75 6.82 1.57
N THR B 46 8.77 7.55 2.09
CA THR B 46 7.41 7.52 1.54
C THR B 46 6.88 8.93 1.47
N ASP B 47 6.40 9.32 0.29
CA ASP B 47 5.70 10.59 0.17
C ASP B 47 4.29 10.43 0.71
N GLY B 48 3.92 11.27 1.66
CA GLY B 48 2.63 11.06 2.29
C GLY B 48 2.27 12.20 3.19
N THR B 49 1.10 12.06 3.80
CA THR B 49 0.58 13.06 4.72
C THR B 49 -0.03 12.34 5.91
N PHE B 50 -0.02 13.02 7.05
CA PHE B 50 -0.55 12.46 8.29
C PHE B 50 -1.26 13.56 9.04
N ILE B 51 -2.47 13.28 9.50
CA ILE B 51 -3.30 14.23 10.22
C ILE B 51 -3.73 13.57 11.52
N LEU B 52 -3.55 14.26 12.64
CA LEU B 52 -4.03 13.77 13.92
C LEU B 52 -4.78 14.89 14.62
N HIS B 53 -6.06 14.65 14.90
CA HIS B 53 -6.91 15.63 15.53
C HIS B 53 -7.25 15.19 16.95
N ASP B 54 -6.92 16.05 17.91
CA ASP B 54 -7.21 15.85 19.32
C ASP B 54 -8.65 16.28 19.57
N LEU B 55 -9.54 15.31 19.84
CA LEU B 55 -10.96 15.63 19.98
C LEU B 55 -11.23 16.46 21.23
N GLN B 56 -10.61 16.11 22.36
CA GLN B 56 -10.83 16.85 23.60
C GLN B 56 -10.41 18.31 23.48
N LYS B 57 -9.27 18.56 22.86
CA LYS B 57 -8.72 19.91 22.86
C LYS B 57 -8.97 20.65 21.55
N ASP B 58 -9.50 19.98 20.54
CA ASP B 58 -9.82 20.60 19.25
C ASP B 58 -8.58 21.22 18.61
N GLN B 59 -7.53 20.41 18.50
CA GLN B 59 -6.29 20.82 17.85
C GLN B 59 -5.89 19.75 16.85
N THR B 60 -5.22 20.16 15.78
CA THR B 60 -4.86 19.26 14.71
C THR B 60 -3.38 19.43 14.36
N PHE B 61 -2.68 18.30 14.30
CA PHE B 61 -1.33 18.21 13.75
C PHE B 61 -1.41 17.72 12.32
N VAL B 62 -0.66 18.37 11.42
CA VAL B 62 -0.62 18.00 10.01
C VAL B 62 0.82 17.91 9.56
N TYR B 63 1.19 16.78 8.99
CA TYR B 63 2.44 16.63 8.25
C TYR B 63 2.13 16.67 6.75
N ASN B 64 2.85 17.51 6.03
CA ASN B 64 2.70 17.69 4.58
C ASN B 64 1.30 18.23 4.23
N ARG B 65 1.12 19.51 4.55
CA ARG B 65 -0.17 20.15 4.37
C ARG B 65 -0.59 20.22 2.91
N LYS B 66 0.37 20.38 1.99
CA LYS B 66 0.04 20.45 0.58
C LYS B 66 -0.63 19.16 0.13
N ARG B 67 -0.04 18.01 0.46
CA ARG B 67 -0.67 16.75 0.11
C ARG B 67 -1.97 16.53 0.89
N ALA B 68 -2.05 17.05 2.12
CA ALA B 68 -3.29 16.90 2.87
C ALA B 68 -4.47 17.58 2.17
N ASN B 69 -4.20 18.55 1.30
CA ASN B 69 -5.27 19.24 0.61
C ASN B 69 -5.53 18.73 -0.80
N GLN B 70 -4.85 17.67 -1.23
CA GLN B 70 -5.00 17.15 -2.58
C GLN B 70 -6.04 16.03 -2.60
N ARG B 71 -7.10 16.25 -3.38
CA ARG B 71 -8.14 15.24 -3.52
C ARG B 71 -7.63 14.02 -4.26
N GLN B 72 -7.99 12.85 -3.75
CA GLN B 72 -7.62 11.56 -4.33
C GLN B 72 -8.79 10.60 -4.20
N THR B 73 -8.76 9.54 -5.01
CA THR B 73 -9.84 8.55 -4.93
CA THR B 73 -9.85 8.56 -4.93
C THR B 73 -9.84 7.88 -3.56
N PRO B 74 -11.01 7.67 -2.95
CA PRO B 74 -11.04 7.12 -1.58
C PRO B 74 -10.77 5.63 -1.50
N GLN B 75 -10.92 4.89 -2.58
CA GLN B 75 -10.76 3.43 -2.56
C GLN B 75 -11.71 2.86 -1.50
N SER B 76 -11.31 1.77 -0.84
CA SER B 76 -12.23 1.16 0.12
C SER B 76 -12.43 1.96 1.39
N THR B 77 -11.76 3.11 1.60
CA THR B 77 -12.22 3.93 2.73
C THR B 77 -13.64 4.41 2.52
N PHE B 78 -14.16 4.36 1.29
CA PHE B 78 -15.54 4.73 1.06
C PHE B 78 -16.53 3.71 1.66
N LYS B 79 -16.00 2.54 1.94
CA LYS B 79 -16.86 1.57 2.60
CA LYS B 79 -16.87 1.58 2.60
C LYS B 79 -17.60 2.09 3.94
N VAL B 80 -16.85 2.98 4.62
CA VAL B 80 -17.40 3.59 5.83
C VAL B 80 -18.69 4.33 5.48
N VAL B 81 -18.67 5.11 4.40
CA VAL B 81 -19.82 5.92 4.00
C VAL B 81 -20.93 5.03 3.46
N ASN B 82 -20.57 4.09 2.59
CA ASN B 82 -21.53 3.14 2.04
C ASN B 82 -22.28 2.41 3.15
N ALA B 83 -21.56 1.99 4.20
CA ALA B 83 -22.22 1.28 5.29
C ALA B 83 -23.18 2.18 6.05
N LEU B 84 -22.77 3.41 6.33
CA LEU B 84 -23.66 4.33 7.05
C LEU B 84 -24.94 4.57 6.26
N ILE B 85 -24.81 4.90 4.98
CA ILE B 85 -25.99 5.14 4.15
C ILE B 85 -26.83 3.88 4.05
N GLY B 86 -26.18 2.74 3.81
CA GLY B 86 -26.92 1.51 3.62
C GLY B 86 -27.72 1.10 4.83
N LEU B 87 -27.13 1.21 6.02
CA LEU B 87 -27.88 0.92 7.24
C LEU B 87 -28.99 1.93 7.44
N GLN B 88 -28.70 3.21 7.18
CA GLN B 88 -29.68 4.25 7.42
C GLN B 88 -30.95 4.03 6.58
N VAL B 89 -30.79 3.65 5.30
CA VAL B 89 -31.93 3.50 4.42
C VAL B 89 -32.47 2.07 4.42
N LYS B 90 -31.91 1.23 5.28
CA LYS B 90 -32.34 -0.16 5.49
C LYS B 90 -32.13 -1.02 4.24
N ALA B 91 -31.13 -0.66 3.43
CA ALA B 91 -30.65 -1.55 2.39
C ALA B 91 -29.90 -2.76 2.97
N VAL B 92 -29.37 -2.62 4.18
CA VAL B 92 -28.80 -3.73 4.93
C VAL B 92 -29.29 -3.61 6.37
N ARG B 93 -29.35 -4.75 7.05
CA ARG B 93 -30.02 -4.85 8.35
C ARG B 93 -29.09 -4.48 9.50
N ASP B 94 -27.87 -5.00 9.48
CA ASP B 94 -26.91 -4.83 10.57
C ASP B 94 -25.57 -5.35 10.07
N GLU B 95 -24.59 -5.44 10.97
CA GLU B 95 -23.25 -5.89 10.59
C GLU B 95 -23.22 -7.35 10.19
N TYR B 96 -24.28 -8.10 10.45
CA TYR B 96 -24.36 -9.52 10.12
C TYR B 96 -25.20 -9.82 8.89
N ASP B 97 -25.49 -8.81 8.07
CA ASP B 97 -26.36 -9.00 6.91
C ASP B 97 -25.61 -9.81 5.86
N VAL B 98 -26.04 -11.06 5.63
CA VAL B 98 -25.33 -11.99 4.76
C VAL B 98 -25.71 -11.77 3.31
N LYS B 99 -24.70 -11.64 2.45
CA LYS B 99 -24.86 -11.76 1.01
C LYS B 99 -24.05 -12.97 0.58
N ARG B 100 -24.70 -13.94 -0.05
CA ARG B 100 -24.03 -15.18 -0.39
C ARG B 100 -23.12 -15.00 -1.60
N TRP B 101 -21.97 -15.67 -1.54
CA TRP B 101 -21.13 -15.87 -2.72
C TRP B 101 -21.85 -16.71 -3.75
N ASP B 102 -21.67 -16.39 -5.03
CA ASP B 102 -22.35 -17.12 -6.11
C ASP B 102 -21.60 -18.39 -6.54
N GLY B 103 -20.50 -18.72 -5.88
CA GLY B 103 -19.79 -19.95 -6.17
C GLY B 103 -18.84 -19.88 -7.35
N VAL B 104 -18.71 -18.73 -8.00
CA VAL B 104 -17.80 -18.57 -9.12
C VAL B 104 -16.41 -18.26 -8.58
N LYS B 105 -15.42 -19.08 -8.94
CA LYS B 105 -14.06 -18.85 -8.49
C LYS B 105 -13.46 -17.64 -9.20
N ARG B 106 -13.16 -16.59 -8.44
CA ARG B 106 -12.55 -15.40 -9.00
C ARG B 106 -11.11 -15.27 -8.46
N GLU B 107 -10.43 -14.19 -8.88
CA GLU B 107 -8.98 -14.10 -8.75
C GLU B 107 -8.52 -14.11 -7.30
N PHE B 108 -9.27 -13.50 -6.39
CA PHE B 108 -8.83 -13.29 -5.01
C PHE B 108 -9.66 -14.13 -4.06
N GLU B 109 -8.99 -14.83 -3.13
CA GLU B 109 -9.69 -15.74 -2.23
C GLU B 109 -10.63 -15.01 -1.27
N SER B 110 -10.38 -13.72 -0.99
CA SER B 110 -11.34 -12.95 -0.23
C SER B 110 -12.68 -12.90 -0.94
N TRP B 111 -12.68 -12.97 -2.26
CA TRP B 111 -13.92 -12.85 -3.02
C TRP B 111 -14.72 -14.14 -3.08
N ASN B 112 -14.16 -15.27 -2.62
CA ASN B 112 -14.77 -16.57 -2.84
C ASN B 112 -15.35 -17.18 -1.57
N ARG B 113 -16.18 -16.41 -0.86
CA ARG B 113 -16.87 -16.90 0.32
C ARG B 113 -18.06 -15.99 0.61
N ASP B 114 -18.99 -16.50 1.41
CA ASP B 114 -20.11 -15.66 1.87
C ASP B 114 -19.58 -14.53 2.74
N HIS B 115 -20.26 -13.38 2.67
CA HIS B 115 -19.79 -12.20 3.41
C HIS B 115 -20.96 -11.48 4.08
N THR B 116 -20.60 -10.67 5.07
CA THR B 116 -21.53 -9.79 5.75
C THR B 116 -21.06 -8.36 5.57
N LEU B 117 -21.93 -7.42 5.96
CA LEU B 117 -21.54 -6.02 5.96
C LEU B 117 -20.26 -5.82 6.78
N GLY B 118 -20.15 -6.53 7.91
CA GLY B 118 -19.00 -6.40 8.77
C GLY B 118 -17.77 -7.10 8.26
N SER B 119 -17.93 -8.33 7.75
CA SER B 119 -16.74 -9.00 7.26
C SER B 119 -16.16 -8.28 6.05
N ALA B 120 -17.03 -7.75 5.19
CA ALA B 120 -16.57 -7.04 4.01
C ALA B 120 -15.96 -5.69 4.34
N MET B 121 -16.13 -5.17 5.56
CA MET B 121 -15.43 -3.97 5.99
CA MET B 121 -15.41 -3.97 5.92
C MET B 121 -13.97 -4.24 6.31
N ARG B 122 -13.61 -5.49 6.56
CA ARG B 122 -12.26 -5.82 6.99
C ARG B 122 -11.39 -6.42 5.90
N GLU B 123 -11.92 -6.63 4.70
CA GLU B 123 -11.17 -7.24 3.61
C GLU B 123 -11.80 -6.81 2.30
N SER B 124 -11.21 -7.25 1.19
CA SER B 124 -11.60 -6.73 -0.11
C SER B 124 -13.06 -7.03 -0.43
N ALA B 125 -13.43 -8.31 -0.51
CA ALA B 125 -14.83 -8.76 -0.66
C ALA B 125 -15.63 -7.83 -1.59
N ILE B 126 -15.03 -7.57 -2.77
CA ILE B 126 -15.36 -6.37 -3.54
C ILE B 126 -16.84 -6.33 -3.89
N TRP B 127 -17.44 -7.50 -4.14
CA TRP B 127 -18.79 -7.51 -4.67
C TRP B 127 -19.83 -7.18 -3.61
N TYR B 128 -19.50 -7.26 -2.31
CA TYR B 128 -20.50 -7.00 -1.29
C TYR B 128 -20.94 -5.54 -1.31
N TYR B 129 -19.97 -4.63 -1.19
CA TYR B 129 -20.33 -3.22 -1.13
C TYR B 129 -20.76 -2.70 -2.49
N GLN B 130 -20.39 -3.38 -3.58
CA GLN B 130 -20.97 -3.04 -4.88
C GLN B 130 -22.47 -3.34 -4.90
N ALA B 131 -22.87 -4.51 -4.37
CA ALA B 131 -24.29 -4.82 -4.31
C ALA B 131 -25.03 -3.81 -3.43
N LEU B 132 -24.41 -3.43 -2.31
CA LEU B 132 -25.02 -2.43 -1.44
C LEU B 132 -25.20 -1.11 -2.18
N ALA B 133 -24.18 -0.67 -2.91
CA ALA B 133 -24.29 0.61 -3.62
C ALA B 133 -25.44 0.57 -4.62
N ARG B 134 -25.61 -0.55 -5.33
CA ARG B 134 -26.72 -0.64 -6.28
C ARG B 134 -28.07 -0.56 -5.57
N ASP B 135 -28.17 -1.15 -4.38
CA ASP B 135 -29.44 -1.08 -3.64
C ASP B 135 -29.70 0.33 -3.14
N ILE B 136 -28.66 1.03 -2.69
CA ILE B 136 -28.83 2.43 -2.31
C ILE B 136 -29.33 3.23 -3.51
N GLY B 137 -28.67 3.06 -4.66
CA GLY B 137 -29.11 3.65 -5.90
C GLY B 137 -28.58 5.06 -6.11
N GLU B 138 -28.66 5.50 -7.36
CA GLU B 138 -28.07 6.77 -7.79
C GLU B 138 -28.63 7.94 -7.00
N GLU B 139 -29.95 8.06 -6.88
CA GLU B 139 -30.52 9.29 -6.34
C GLU B 139 -30.26 9.41 -4.84
N ARG B 140 -30.39 8.31 -4.09
CA ARG B 140 -30.09 8.39 -2.66
C ARG B 140 -28.60 8.57 -2.42
N MET B 141 -27.75 7.98 -3.27
CA MET B 141 -26.33 8.17 -3.09
C MET B 141 -25.94 9.63 -3.29
N LYS B 142 -26.49 10.27 -4.33
CA LYS B 142 -26.17 11.67 -4.58
C LYS B 142 -26.63 12.53 -3.40
N THR B 143 -27.84 12.30 -2.92
CA THR B 143 -28.37 13.10 -1.81
C THR B 143 -27.49 12.98 -0.57
N TRP B 144 -27.08 11.75 -0.25
CA TRP B 144 -26.33 11.55 0.97
C TRP B 144 -24.91 12.09 0.85
N LEU B 145 -24.27 11.96 -0.32
CA LEU B 145 -22.95 12.57 -0.47
C LEU B 145 -23.01 14.09 -0.37
N HIS B 146 -24.13 14.70 -0.76
CA HIS B 146 -24.29 16.13 -0.55
C HIS B 146 -24.46 16.47 0.93
N THR B 147 -25.32 15.73 1.63
CA THR B 147 -25.48 15.93 3.07
C THR B 147 -24.15 15.80 3.80
N LEU B 148 -23.34 14.82 3.42
CA LEU B 148 -22.06 14.56 4.08
C LEU B 148 -20.93 15.46 3.57
N SER B 149 -21.17 16.27 2.54
CA SER B 149 -20.11 17.08 1.91
C SER B 149 -18.86 16.22 1.66
N TYR B 150 -19.06 15.10 0.96
CA TYR B 150 -17.99 14.11 0.81
C TYR B 150 -17.21 14.38 -0.47
N GLY B 151 -16.11 15.11 -0.35
CA GLY B 151 -15.22 15.34 -1.48
C GLY B 151 -15.93 16.07 -2.62
N ASN B 152 -15.59 15.68 -3.86
CA ASN B 152 -16.24 16.28 -5.01
C ASN B 152 -17.63 15.69 -5.30
N GLU B 153 -18.06 14.71 -4.52
CA GLU B 153 -19.41 14.12 -4.59
C GLU B 153 -19.73 13.54 -5.97
N ASP B 154 -18.72 13.19 -6.75
CA ASP B 154 -18.90 12.84 -8.16
C ASP B 154 -19.04 11.33 -8.31
N ILE B 155 -20.25 10.85 -8.60
CA ILE B 155 -20.49 9.41 -8.77
C ILE B 155 -20.73 9.05 -10.25
N SER B 156 -20.32 9.95 -11.16
CA SER B 156 -20.50 9.71 -12.60
C SER B 156 -19.72 8.51 -13.12
N GLY B 157 -18.73 8.02 -12.37
CA GLY B 157 -17.99 6.84 -12.78
C GLY B 157 -18.80 5.56 -12.76
N GLY B 158 -19.97 5.57 -12.12
CA GLY B 158 -20.80 4.37 -12.07
C GLY B 158 -21.24 4.05 -10.66
N ILE B 159 -22.51 3.62 -10.49
CA ILE B 159 -23.11 3.50 -9.16
C ILE B 159 -22.33 2.53 -8.27
N ASP B 160 -21.71 1.50 -8.84
CA ASP B 160 -20.95 0.56 -8.02
C ASP B 160 -19.46 0.56 -8.36
N GLN B 161 -18.98 1.66 -8.96
CA GLN B 161 -17.56 1.78 -9.27
CA GLN B 161 -17.58 1.81 -9.35
C GLN B 161 -16.96 3.12 -8.90
N PHE B 162 -17.75 4.12 -8.48
CA PHE B 162 -17.26 5.48 -8.42
C PHE B 162 -16.19 5.72 -7.36
N TRP B 163 -16.05 4.85 -6.36
CA TRP B 163 -15.03 5.04 -5.33
C TRP B 163 -13.73 4.32 -5.65
N LEU B 164 -13.64 3.63 -6.78
CA LEU B 164 -12.51 2.78 -7.13
C LEU B 164 -11.77 3.38 -8.32
N GLN B 165 -10.74 4.18 -8.02
CA GLN B 165 -9.91 4.85 -9.02
C GLN B 165 -10.77 5.42 -10.16
N SER B 166 -11.76 6.21 -9.75
CA SER B 166 -12.80 6.63 -10.67
C SER B 166 -13.18 8.08 -10.36
N SER B 167 -14.48 8.43 -10.44
CA SER B 167 -14.85 9.85 -10.47
C SER B 167 -14.77 10.52 -9.10
N LEU B 168 -15.04 9.79 -8.02
CA LEU B 168 -15.11 10.40 -6.70
C LEU B 168 -13.73 10.65 -6.13
N THR B 169 -13.49 11.87 -5.63
CA THR B 169 -12.23 12.18 -4.97
C THR B 169 -12.50 12.94 -3.68
N ILE B 170 -11.53 12.89 -2.78
CA ILE B 170 -11.65 13.55 -1.48
C ILE B 170 -10.25 13.76 -0.94
N SER B 171 -10.02 14.93 -0.32
CA SER B 171 -8.69 15.20 0.22
C SER B 171 -8.54 14.57 1.61
N PRO B 172 -7.31 14.30 2.02
CA PRO B 172 -7.10 13.83 3.41
C PRO B 172 -7.73 14.74 4.46
N LEU B 173 -7.65 16.07 4.29
CA LEU B 173 -8.29 16.97 5.25
C LEU B 173 -9.81 16.83 5.21
N GLU B 174 -10.39 16.58 4.02
CA GLU B 174 -11.84 16.34 3.94
C GLU B 174 -12.23 15.02 4.59
N GLN B 175 -11.38 14.00 4.47
CA GLN B 175 -11.62 12.76 5.24
C GLN B 175 -11.58 13.02 6.74
N GLU B 176 -10.61 13.80 7.21
CA GLU B 176 -10.57 14.13 8.64
C GLU B 176 -11.87 14.79 9.09
N THR B 177 -12.36 15.75 8.30
CA THR B 177 -13.57 16.47 8.68
C THR B 177 -14.76 15.52 8.78
N PHE B 178 -14.86 14.60 7.82
CA PHE B 178 -15.94 13.63 7.84
C PHE B 178 -15.82 12.70 9.05
N LEU B 179 -14.61 12.19 9.29
CA LEU B 179 -14.45 11.21 10.35
C LEU B 179 -14.59 11.85 11.73
N GLU B 180 -14.27 13.14 11.83
CA GLU B 180 -14.52 13.85 13.08
C GLU B 180 -16.01 13.93 13.38
N LYS B 181 -16.84 14.21 12.37
CA LYS B 181 -18.29 14.17 12.57
C LYS B 181 -18.74 12.78 12.99
N LEU B 182 -18.19 11.73 12.38
CA LEU B 182 -18.58 10.37 12.76
C LEU B 182 -18.13 10.06 14.19
N ALA B 183 -16.89 10.40 14.54
CA ALA B 183 -16.43 10.12 15.90
C ALA B 183 -17.30 10.81 16.94
N LYS B 184 -17.67 12.08 16.68
CA LYS B 184 -18.52 12.82 17.60
C LYS B 184 -19.99 12.45 17.48
N GLU B 185 -20.34 11.61 16.50
CA GLU B 185 -21.71 11.27 16.16
C GLU B 185 -22.54 12.52 15.87
N GLU B 186 -21.90 13.49 15.25
CA GLU B 186 -22.57 14.70 14.78
C GLU B 186 -22.92 14.60 13.31
N LEU B 187 -23.48 13.48 12.92
CA LEU B 187 -24.04 13.25 11.60
C LEU B 187 -25.52 12.96 11.77
N PRO B 188 -26.34 13.18 10.73
CA PRO B 188 -27.79 12.99 10.87
C PRO B 188 -28.24 11.54 10.73
N PHE B 189 -27.35 10.59 10.98
CA PHE B 189 -27.70 9.17 11.01
C PHE B 189 -28.30 8.78 12.35
N ASP B 190 -29.18 7.78 12.31
CA ASP B 190 -29.70 7.19 13.54
C ASP B 190 -28.56 6.67 14.41
N LYS B 191 -28.73 6.77 15.74
CA LYS B 191 -27.63 6.39 16.63
C LYS B 191 -27.13 4.96 16.39
N PRO B 192 -27.98 3.94 16.30
CA PRO B 192 -27.44 2.58 16.08
C PRO B 192 -26.68 2.46 14.79
N VAL B 193 -27.02 3.24 13.77
CA VAL B 193 -26.28 3.19 12.52
C VAL B 193 -24.83 3.56 12.74
N MET B 194 -24.58 4.62 13.50
CA MET B 194 -23.21 5.02 13.76
C MET B 194 -22.50 4.06 14.71
N LYS B 195 -23.20 3.52 15.71
CA LYS B 195 -22.57 2.56 16.62
C LYS B 195 -22.15 1.30 15.88
N ILE B 196 -23.00 0.80 14.97
CA ILE B 196 -22.67 -0.41 14.22
C ILE B 196 -21.47 -0.15 13.33
N VAL B 197 -21.45 0.99 12.63
CA VAL B 197 -20.34 1.24 11.70
C VAL B 197 -19.04 1.39 12.47
N LYS B 198 -19.06 2.08 13.60
CA LYS B 198 -17.85 2.17 14.43
C LYS B 198 -17.37 0.78 14.85
N ARG B 199 -18.29 -0.07 15.31
CA ARG B 199 -17.92 -1.42 15.72
C ARG B 199 -17.28 -2.18 14.55
N MET B 200 -17.84 -2.05 13.34
CA MET B 200 -17.29 -2.74 12.19
C MET B 200 -15.90 -2.25 11.85
N MET B 201 -15.56 -1.02 12.22
CA MET B 201 -14.24 -0.46 11.95
C MET B 201 -13.19 -0.85 12.99
N ILE B 202 -13.55 -1.59 14.05
CA ILE B 202 -12.53 -1.92 15.05
C ILE B 202 -11.43 -2.76 14.41
N GLN B 203 -10.19 -2.31 14.57
CA GLN B 203 -9.01 -3.01 14.08
C GLN B 203 -8.21 -3.67 15.19
N GLU B 204 -8.12 -3.04 16.35
CA GLU B 204 -7.54 -3.63 17.55
C GLU B 204 -8.28 -3.12 18.77
N GLU B 205 -8.57 -4.03 19.70
CA GLU B 205 -9.11 -3.70 21.01
C GLU B 205 -8.04 -4.06 22.04
N GLY B 206 -7.38 -3.05 22.59
CA GLY B 206 -6.50 -3.26 23.72
C GLY B 206 -7.28 -3.22 25.02
N ASP B 207 -6.55 -3.41 26.13
CA ASP B 207 -7.17 -3.20 27.42
C ASP B 207 -7.38 -1.71 27.71
N HIS B 208 -6.60 -0.83 27.07
CA HIS B 208 -6.62 0.58 27.39
C HIS B 208 -6.92 1.47 26.18
N TYR B 209 -7.14 0.88 25.01
CA TYR B 209 -7.44 1.65 23.81
C TYR B 209 -8.25 0.79 22.86
N THR B 210 -8.95 1.45 21.94
CA THR B 210 -9.58 0.78 20.81
C THR B 210 -9.19 1.55 19.56
N LEU B 211 -8.62 0.84 18.59
CA LEU B 211 -8.21 1.42 17.32
C LEU B 211 -9.29 1.11 16.29
N TYR B 212 -9.90 2.17 15.75
CA TYR B 212 -10.88 2.09 14.67
C TYR B 212 -10.23 2.56 13.39
N GLY B 213 -10.41 1.80 12.30
CA GLY B 213 -9.82 2.29 11.07
C GLY B 213 -10.28 1.53 9.85
N LYS B 214 -9.98 2.10 8.69
CA LYS B 214 -10.25 1.47 7.40
C LYS B 214 -9.11 1.76 6.45
N THR B 215 -8.61 0.73 5.78
CA THR B 215 -7.59 0.87 4.75
C THR B 215 -8.21 1.12 3.37
N GLY B 216 -7.41 1.73 2.50
CA GLY B 216 -7.71 1.79 1.07
C GLY B 216 -6.42 1.64 0.29
N THR B 217 -6.45 0.95 -0.84
CA THR B 217 -5.24 0.71 -1.61
CA THR B 217 -5.24 0.67 -1.61
C THR B 217 -5.53 0.76 -3.11
N ASP B 218 -4.56 1.27 -3.85
CA ASP B 218 -4.49 1.17 -5.30
C ASP B 218 -3.01 1.19 -5.66
N MET B 219 -2.73 1.12 -6.96
CA MET B 219 -1.36 1.30 -7.43
C MET B 219 -0.84 2.66 -6.97
N GLY B 220 0.18 2.63 -6.12
CA GLY B 220 0.82 3.86 -5.68
C GLY B 220 -0.07 4.79 -4.88
N LEU B 221 -1.05 4.24 -4.16
CA LEU B 221 -1.94 5.06 -3.34
C LEU B 221 -2.43 4.20 -2.18
N GLY B 222 -2.26 4.72 -0.96
CA GLY B 222 -2.71 4.01 0.22
C GLY B 222 -3.34 4.94 1.23
N TRP B 223 -4.37 4.44 1.93
CA TRP B 223 -5.05 5.16 2.98
C TRP B 223 -5.12 4.31 4.24
N PHE B 224 -5.06 4.97 5.39
CA PHE B 224 -5.55 4.38 6.63
C PHE B 224 -6.17 5.52 7.42
N VAL B 225 -7.48 5.43 7.66
CA VAL B 225 -8.24 6.51 8.25
C VAL B 225 -9.08 5.96 9.39
N GLY B 226 -9.30 6.77 10.41
CA GLY B 226 -10.14 6.30 11.51
C GLY B 226 -9.96 7.16 12.75
N PHE B 227 -10.07 6.51 13.91
CA PHE B 227 -9.93 7.21 15.17
C PHE B 227 -9.51 6.21 16.23
N ILE B 228 -8.93 6.72 17.30
CA ILE B 228 -8.50 5.87 18.40
C ILE B 228 -9.11 6.42 19.68
N LYS B 229 -9.71 5.54 20.46
CA LYS B 229 -10.16 5.87 21.79
C LYS B 229 -9.10 5.42 22.78
N THR B 230 -8.67 6.32 23.66
CA THR B 230 -7.75 5.99 24.74
C THR B 230 -8.38 6.36 26.07
N GLU B 231 -7.66 6.09 27.14
CA GLU B 231 -8.10 6.50 28.46
C GLU B 231 -7.82 7.97 28.74
N HIS B 232 -7.14 8.65 27.83
CA HIS B 232 -6.84 10.07 27.97
C HIS B 232 -7.25 10.82 26.70
N GLY B 233 -8.47 10.57 26.25
CA GLY B 233 -9.01 11.28 25.11
C GLY B 233 -8.96 10.44 23.83
N SER B 234 -9.79 10.85 22.88
CA SER B 234 -9.85 10.20 21.58
C SER B 234 -9.28 11.13 20.50
N TYR B 235 -8.79 10.51 19.43
CA TYR B 235 -8.12 11.23 18.35
C TYR B 235 -8.58 10.67 17.01
N VAL B 236 -8.72 11.56 16.04
CA VAL B 236 -9.05 11.18 14.66
C VAL B 236 -7.77 11.25 13.86
N PHE B 237 -7.54 10.26 12.99
CA PHE B 237 -6.33 10.25 12.17
C PHE B 237 -6.66 9.97 10.71
N VAL B 238 -5.82 10.54 9.84
CA VAL B 238 -5.86 10.25 8.41
C VAL B 238 -4.42 10.13 7.93
N THR B 239 -4.11 9.00 7.31
CA THR B 239 -2.81 8.76 6.69
C THR B 239 -3.02 8.43 5.23
N ASN B 240 -2.24 9.08 4.38
CA ASN B 240 -2.35 8.91 2.94
C ASN B 240 -0.94 8.93 2.37
N VAL B 241 -0.59 7.89 1.60
CA VAL B 241 0.78 7.67 1.16
C VAL B 241 0.79 7.24 -0.31
N ASP B 242 1.95 7.39 -0.95
CA ASP B 242 2.14 6.85 -2.29
C ASP B 242 2.68 5.42 -2.24
N ASP B 243 1.99 4.58 -1.47
CA ASP B 243 2.34 3.19 -1.23
C ASP B 243 1.04 2.48 -0.86
N SER B 244 1.13 1.29 -0.28
CA SER B 244 -0.06 0.50 -0.01
C SER B 244 -0.85 1.06 1.18
N GLY B 245 -2.10 0.61 1.29
CA GLY B 245 -2.83 0.81 2.52
C GLY B 245 -2.16 0.16 3.72
N THR B 246 -1.49 -0.98 3.49
CA THR B 246 -0.75 -1.62 4.58
C THR B 246 0.36 -0.71 5.09
N LYS B 247 1.12 -0.08 4.19
CA LYS B 247 2.14 0.86 4.63
C LYS B 247 1.50 2.04 5.36
N ALA B 248 0.36 2.51 4.87
CA ALA B 248 -0.34 3.60 5.55
C ALA B 248 -0.72 3.19 6.97
N LYS B 249 -1.19 1.96 7.13
CA LYS B 249 -1.59 1.48 8.46
C LYS B 249 -0.38 1.29 9.35
N ASN B 250 0.72 0.74 8.81
CA ASN B 250 1.91 0.52 9.61
C ASN B 250 2.51 1.83 10.10
N ILE B 251 2.55 2.84 9.23
CA ILE B 251 3.01 4.17 9.65
C ILE B 251 2.13 4.70 10.77
N THR B 252 0.81 4.58 10.61
CA THR B 252 -0.11 5.11 11.62
C THR B 252 0.12 4.44 12.97
N VAL B 253 0.21 3.10 12.97
CA VAL B 253 0.42 2.38 14.22
C VAL B 253 1.75 2.76 14.85
N ASP B 254 2.79 2.94 14.02
CA ASP B 254 4.08 3.40 14.52
CA ASP B 254 4.08 3.40 14.52
C ASP B 254 3.93 4.72 15.26
N ILE B 255 3.27 5.69 14.64
CA ILE B 255 3.12 7.01 15.25
C ILE B 255 2.30 6.94 16.53
N LEU B 256 1.17 6.21 16.49
CA LEU B 256 0.33 6.12 17.67
C LEU B 256 1.03 5.38 18.82
N LYS B 257 1.90 4.41 18.50
CA LYS B 257 2.71 3.81 19.55
C LYS B 257 3.76 4.79 20.09
N LYS B 258 4.42 5.52 19.19
CA LYS B 258 5.49 6.42 19.61
C LYS B 258 4.99 7.48 20.58
N TYR B 259 3.77 7.99 20.36
CA TYR B 259 3.22 9.06 21.18
C TYR B 259 2.26 8.54 22.24
N GLY B 260 2.32 7.24 22.55
CA GLY B 260 1.66 6.69 23.71
C GLY B 260 0.17 6.50 23.61
N LEU B 261 -0.42 6.56 22.40
CA LEU B 261 -1.86 6.36 22.28
C LEU B 261 -2.22 4.87 22.15
N ILE B 262 -1.43 4.10 21.40
CA ILE B 262 -1.53 2.64 21.42
C ILE B 262 -0.58 2.15 22.51
N THR B 263 -1.13 1.47 23.51
CA THR B 263 -0.30 0.91 24.58
C THR B 263 -0.55 -0.58 24.70
N SER B 264 -1.55 -0.96 25.48
CA SER B 264 -1.83 -2.37 25.73
C SER B 264 -3.32 -2.58 25.89
N HIS C 31 -3.43 9.94 -33.18
CA HIS C 31 -3.28 8.76 -32.33
C HIS C 31 -3.67 7.48 -33.07
N LEU C 32 -2.76 6.51 -33.06
CA LEU C 32 -2.99 5.24 -33.76
C LEU C 32 -4.06 4.42 -33.06
N ASN C 33 -5.02 3.90 -33.84
CA ASN C 33 -5.97 2.90 -33.37
C ASN C 33 -5.44 1.54 -33.80
N VAL C 34 -5.03 0.72 -32.81
CA VAL C 34 -4.33 -0.52 -33.12
C VAL C 34 -5.25 -1.59 -33.70
N SER C 35 -6.55 -1.50 -33.47
CA SER C 35 -7.42 -2.60 -33.86
C SER C 35 -7.62 -2.71 -35.36
N LYS C 36 -7.30 -1.68 -36.13
CA LYS C 36 -7.38 -1.72 -37.58
C LYS C 36 -6.04 -2.01 -38.23
N MET C 37 -5.03 -2.42 -37.46
CA MET C 37 -3.72 -2.70 -38.01
C MET C 37 -3.74 -3.94 -38.87
N ASN C 38 -2.77 -4.01 -39.77
CA ASN C 38 -2.51 -5.22 -40.54
C ASN C 38 -1.01 -5.36 -40.72
N VAL C 39 -0.49 -6.51 -40.34
CA VAL C 39 0.94 -6.75 -40.39
C VAL C 39 1.27 -7.98 -41.26
N ASP C 40 0.34 -8.36 -42.13
CA ASP C 40 0.56 -9.50 -43.02
C ASP C 40 1.85 -9.34 -43.82
N ASP C 41 2.10 -8.14 -44.35
CA ASP C 41 3.28 -7.93 -45.21
C ASP C 41 4.56 -8.19 -44.44
N GLU C 42 4.63 -7.70 -43.20
CA GLU C 42 5.84 -7.87 -42.41
C GLU C 42 6.07 -9.34 -42.07
N PHE C 43 5.02 -10.15 -42.06
CA PHE C 43 5.14 -11.56 -41.72
C PHE C 43 5.12 -12.46 -42.94
N LYS C 44 5.34 -11.90 -44.13
CA LYS C 44 5.59 -12.73 -45.29
C LYS C 44 6.84 -13.56 -45.04
N ASP C 45 6.71 -14.87 -45.24
CA ASP C 45 7.81 -15.82 -45.12
C ASP C 45 8.29 -16.02 -43.69
N THR C 46 7.50 -15.61 -42.70
CA THR C 46 7.85 -15.82 -41.30
C THR C 46 6.62 -16.35 -40.56
N ASP C 47 6.79 -17.46 -39.83
CA ASP C 47 5.76 -17.94 -38.92
C ASP C 47 5.97 -17.22 -37.59
N GLY C 48 5.02 -16.35 -37.24
CA GLY C 48 5.22 -15.59 -36.03
C GLY C 48 3.93 -15.02 -35.50
N THR C 49 4.06 -14.31 -34.38
CA THR C 49 2.94 -13.62 -33.75
C THR C 49 3.40 -12.23 -33.33
N PHE C 50 2.46 -11.30 -33.29
CA PHE C 50 2.74 -9.92 -32.91
C PHE C 50 1.55 -9.40 -32.11
N ILE C 51 1.84 -8.77 -30.97
CA ILE C 51 0.85 -8.18 -30.09
C ILE C 51 1.24 -6.74 -29.84
N LEU C 52 0.29 -5.82 -29.99
CA LEU C 52 0.52 -4.41 -29.69
C LEU C 52 -0.64 -3.91 -28.85
N HIS C 53 -0.34 -3.44 -27.64
CA HIS C 53 -1.36 -2.96 -26.72
C HIS C 53 -1.23 -1.45 -26.53
N ASP C 54 -2.32 -0.74 -26.81
CA ASP C 54 -2.43 0.70 -26.60
C ASP C 54 -2.72 0.95 -25.13
N LEU C 55 -1.76 1.55 -24.41
CA LEU C 55 -1.93 1.74 -22.98
C LEU C 55 -2.99 2.79 -22.67
N GLN C 56 -3.06 3.86 -23.47
CA GLN C 56 -4.01 4.93 -23.20
C GLN C 56 -5.45 4.48 -23.43
N LYS C 57 -5.69 3.77 -24.54
CA LYS C 57 -7.05 3.36 -24.89
C LYS C 57 -7.43 2.00 -24.34
N ASP C 58 -6.49 1.24 -23.80
CA ASP C 58 -6.72 -0.13 -23.35
C ASP C 58 -7.32 -0.98 -24.48
N GLN C 59 -6.61 -1.02 -25.59
CA GLN C 59 -6.98 -1.85 -26.73
C GLN C 59 -5.76 -2.62 -27.20
N THR C 60 -6.00 -3.79 -27.81
CA THR C 60 -4.93 -4.69 -28.21
C THR C 60 -5.17 -5.23 -29.61
N PHE C 61 -4.10 -5.25 -30.41
CA PHE C 61 -4.07 -5.91 -31.70
C PHE C 61 -3.25 -7.19 -31.55
N VAL C 62 -3.76 -8.29 -32.09
CA VAL C 62 -3.06 -9.57 -32.07
C VAL C 62 -3.03 -10.14 -33.48
N TYR C 63 -1.84 -10.41 -33.97
CA TYR C 63 -1.64 -11.18 -35.20
C TYR C 63 -1.23 -12.61 -34.82
N ASN C 64 -1.95 -13.59 -35.36
CA ASN C 64 -1.70 -15.03 -35.13
C ASN C 64 -1.92 -15.40 -33.66
N ARG C 65 -3.18 -15.35 -33.26
CA ARG C 65 -3.54 -15.66 -31.88
C ARG C 65 -3.21 -17.10 -31.52
N LYS C 66 -3.32 -18.03 -32.46
CA LYS C 66 -2.95 -19.41 -32.17
C LYS C 66 -1.50 -19.51 -31.70
N ARG C 67 -0.58 -18.85 -32.41
CA ARG C 67 0.80 -18.85 -31.96
C ARG C 67 0.99 -18.06 -30.67
N ALA C 68 0.22 -16.96 -30.50
CA ALA C 68 0.32 -16.18 -29.27
C ALA C 68 -0.04 -16.99 -28.03
N ASN C 69 -0.84 -18.05 -28.20
CA ASN C 69 -1.20 -18.96 -27.10
C ASN C 69 -0.09 -19.94 -26.71
N GLN C 70 0.91 -20.16 -27.57
CA GLN C 70 1.86 -21.25 -27.40
CA GLN C 70 1.86 -21.25 -27.39
C GLN C 70 3.02 -20.82 -26.50
N ARG C 71 3.23 -21.55 -25.41
CA ARG C 71 4.36 -21.26 -24.53
C ARG C 71 5.68 -21.65 -25.21
N GLN C 72 6.69 -20.81 -25.02
CA GLN C 72 8.02 -21.01 -25.57
CA GLN C 72 8.01 -21.11 -25.52
C GLN C 72 9.04 -20.65 -24.50
N THR C 73 10.26 -21.16 -24.65
CA THR C 73 11.32 -20.70 -23.76
C THR C 73 11.46 -19.18 -23.90
N PRO C 74 11.63 -18.47 -22.79
CA PRO C 74 11.75 -17.00 -22.88
C PRO C 74 13.10 -16.54 -23.39
N GLN C 75 14.11 -17.40 -23.37
CA GLN C 75 15.47 -17.02 -23.73
CA GLN C 75 15.46 -17.01 -23.78
C GLN C 75 15.85 -15.75 -22.99
N SER C 76 16.60 -14.86 -23.61
CA SER C 76 17.09 -13.71 -22.84
C SER C 76 16.03 -12.66 -22.56
N THR C 77 14.78 -12.80 -23.02
CA THR C 77 13.74 -11.93 -22.48
C THR C 77 13.56 -12.15 -20.98
N PHE C 78 14.02 -13.28 -20.44
CA PHE C 78 13.93 -13.49 -19.01
C PHE C 78 14.82 -12.52 -18.22
N VAL C 80 14.69 -9.45 -18.11
CA VAL C 80 13.79 -8.47 -17.50
C VAL C 80 13.36 -8.92 -16.10
N VAL C 81 12.92 -10.17 -15.97
CA VAL C 81 12.46 -10.71 -14.69
C VAL C 81 13.61 -10.88 -13.73
N ASN C 82 14.71 -11.48 -14.22
CA ASN C 82 15.91 -11.65 -13.41
C ASN C 82 16.36 -10.34 -12.78
N ALA C 83 16.37 -9.26 -13.57
CA ALA C 83 16.78 -7.96 -13.07
C ALA C 83 15.83 -7.42 -12.02
N LEU C 84 14.52 -7.54 -12.25
CA LEU C 84 13.56 -7.08 -11.25
C LEU C 84 13.73 -7.82 -9.93
N ILE C 85 13.78 -9.15 -9.98
CA ILE C 85 13.95 -9.93 -8.76
C ILE C 85 15.27 -9.60 -8.07
N GLY C 86 16.36 -9.57 -8.86
CA GLY C 86 17.67 -9.34 -8.30
C GLY C 86 17.80 -8.00 -7.61
N LEU C 87 17.22 -6.95 -8.20
CA LEU C 87 17.23 -5.65 -7.55
C LEU C 87 16.32 -5.64 -6.32
N GLN C 88 15.18 -6.32 -6.39
CA GLN C 88 14.25 -6.30 -5.28
C GLN C 88 14.84 -6.97 -4.05
N VAL C 89 15.57 -8.08 -4.23
CA VAL C 89 16.10 -8.81 -3.09
C VAL C 89 17.52 -8.36 -2.77
N LYS C 90 18.00 -7.33 -3.48
CA LYS C 90 19.31 -6.72 -3.26
C LYS C 90 20.45 -7.69 -3.57
N ALA C 91 20.23 -8.64 -4.48
CA ALA C 91 21.34 -9.43 -5.01
C ALA C 91 22.25 -8.59 -5.89
N VAL C 92 21.72 -7.50 -6.46
CA VAL C 92 22.50 -6.49 -7.18
C VAL C 92 22.01 -5.14 -6.69
N ARG C 93 22.90 -4.14 -6.80
CA ARG C 93 22.69 -2.84 -6.18
C ARG C 93 21.88 -1.89 -7.08
N ASP C 94 22.23 -1.82 -8.34
CA ASP C 94 21.58 -0.90 -9.29
C ASP C 94 22.02 -1.33 -10.69
N GLU C 95 21.69 -0.50 -11.69
CA GLU C 95 22.06 -0.81 -13.07
C GLU C 95 23.57 -0.75 -13.30
N TYR C 96 24.34 -0.24 -12.33
CA TYR C 96 25.77 -0.07 -12.46
C TYR C 96 26.57 -1.09 -11.64
N ASP C 97 25.93 -2.12 -11.11
CA ASP C 97 26.61 -3.09 -10.25
C ASP C 97 27.61 -3.89 -11.08
N VAL C 98 28.90 -3.69 -10.85
CA VAL C 98 29.95 -4.29 -11.68
C VAL C 98 30.25 -5.72 -11.22
N LYS C 99 30.27 -6.65 -12.17
CA LYS C 99 30.87 -7.96 -11.99
C LYS C 99 32.05 -8.05 -12.94
N ARG C 100 33.23 -8.38 -12.42
CA ARG C 100 34.42 -8.43 -13.26
C ARG C 100 34.42 -9.69 -14.11
N TRP C 101 34.79 -9.53 -15.38
CA TRP C 101 34.97 -10.65 -16.28
C TRP C 101 36.07 -11.58 -15.79
N ASP C 102 35.84 -12.90 -15.88
CA ASP C 102 36.84 -13.86 -15.43
C ASP C 102 37.97 -14.05 -16.43
N GLY C 103 37.89 -13.45 -17.61
CA GLY C 103 38.92 -13.62 -18.62
C GLY C 103 38.70 -14.79 -19.56
N VAL C 104 37.63 -15.54 -19.40
CA VAL C 104 37.31 -16.63 -20.33
C VAL C 104 36.67 -16.04 -21.57
N LYS C 105 37.18 -16.42 -22.74
CA LYS C 105 36.66 -15.93 -24.01
C LYS C 105 35.38 -16.67 -24.35
N ARG C 106 34.26 -15.96 -24.33
CA ARG C 106 32.97 -16.52 -24.68
C ARG C 106 32.57 -16.06 -26.09
N GLU C 107 31.37 -16.46 -26.52
CA GLU C 107 31.07 -16.48 -27.95
C GLU C 107 31.10 -15.08 -28.57
N PHE C 108 30.61 -14.07 -27.84
CA PHE C 108 30.51 -12.73 -28.38
C PHE C 108 31.53 -11.81 -27.71
N GLU C 109 32.20 -10.99 -28.53
CA GLU C 109 33.22 -10.08 -28.02
C GLU C 109 32.66 -9.15 -26.95
N SER C 110 31.43 -8.66 -27.13
CA SER C 110 30.85 -7.74 -26.16
C SER C 110 30.59 -8.40 -24.81
N TRP C 111 30.67 -9.73 -24.74
CA TRP C 111 30.56 -10.42 -23.46
C TRP C 111 31.89 -10.51 -22.72
N ASN C 112 33.00 -10.31 -23.43
CA ASN C 112 34.33 -10.55 -22.86
C ASN C 112 34.92 -9.25 -22.31
N ARG C 113 34.25 -8.75 -21.27
CA ARG C 113 34.54 -7.48 -20.64
C ARG C 113 33.81 -7.44 -19.31
N ASP C 114 34.26 -6.55 -18.43
CA ASP C 114 33.51 -6.29 -17.20
C ASP C 114 32.12 -5.80 -17.58
N HIS C 115 31.12 -6.23 -16.80
CA HIS C 115 29.73 -5.88 -17.07
C HIS C 115 29.03 -5.40 -15.82
N THR C 116 27.99 -4.60 -16.03
CA THR C 116 27.03 -4.23 -15.00
C THR C 116 25.70 -4.88 -15.33
N LEU C 117 24.77 -4.78 -14.38
CA LEU C 117 23.42 -5.25 -14.63
C LEU C 117 22.86 -4.66 -15.92
N GLY C 118 23.04 -3.36 -16.11
CA GLY C 118 22.48 -2.71 -17.27
C GLY C 118 23.22 -3.03 -18.56
N SER C 119 24.56 -3.06 -18.52
CA SER C 119 25.28 -3.37 -19.75
C SER C 119 25.09 -4.82 -20.14
N ALA C 120 24.97 -5.72 -19.15
CA ALA C 120 24.70 -7.12 -19.47
C ALA C 120 23.31 -7.30 -20.07
N MET C 121 22.35 -6.44 -19.70
CA MET C 121 21.08 -6.48 -20.38
C MET C 121 21.24 -6.01 -21.83
N ARG C 122 21.94 -4.89 -22.01
CA ARG C 122 22.07 -4.28 -23.34
C ARG C 122 22.79 -5.21 -24.32
N GLU C 123 23.84 -5.88 -23.85
CA GLU C 123 24.62 -6.78 -24.69
C GLU C 123 24.20 -8.24 -24.53
N SER C 124 23.19 -8.52 -23.72
CA SER C 124 22.69 -9.89 -23.49
CA SER C 124 22.69 -9.88 -23.49
C SER C 124 23.80 -10.80 -22.96
N ALA C 125 24.58 -10.30 -22.02
CA ALA C 125 25.70 -11.05 -21.45
C ALA C 125 25.16 -12.07 -20.46
N ILE C 126 24.92 -13.30 -20.96
CA ILE C 126 24.30 -14.35 -20.19
C ILE C 126 25.06 -14.63 -18.89
N TRP C 127 26.40 -14.62 -18.95
CA TRP C 127 27.17 -15.03 -17.77
C TRP C 127 26.88 -14.14 -16.56
N TYR C 128 26.65 -12.84 -16.80
CA TYR C 128 26.33 -11.94 -15.68
C TYR C 128 25.01 -12.35 -15.04
N TYR C 129 24.00 -12.63 -15.86
CA TYR C 129 22.69 -12.98 -15.33
C TYR C 129 22.65 -14.39 -14.76
N GLN C 130 23.55 -15.27 -15.19
CA GLN C 130 23.69 -16.56 -14.51
C GLN C 130 24.24 -16.39 -13.11
N ALA C 131 25.26 -15.55 -12.93
CA ALA C 131 25.74 -15.24 -11.59
C ALA C 131 24.63 -14.64 -10.73
N LEU C 132 23.84 -13.73 -11.30
CA LEU C 132 22.72 -13.14 -10.57
C LEU C 132 21.70 -14.20 -10.15
N ALA C 133 21.38 -15.12 -11.07
CA ALA C 133 20.42 -16.18 -10.75
C ALA C 133 20.91 -17.07 -9.62
N ARG C 134 22.19 -17.41 -9.62
CA ARG C 134 22.72 -18.21 -8.52
C ARG C 134 22.61 -17.47 -7.19
N ASP C 135 22.82 -16.15 -7.21
CA ASP C 135 22.72 -15.38 -5.98
C ASP C 135 21.28 -15.28 -5.51
N ILE C 136 20.32 -15.16 -6.44
CA ILE C 136 18.91 -15.17 -6.06
C ILE C 136 18.58 -16.51 -5.42
N GLY C 137 18.97 -17.59 -6.07
CA GLY C 137 18.80 -18.93 -5.54
C GLY C 137 17.44 -19.54 -5.88
N GLU C 138 17.41 -20.87 -5.79
CA GLU C 138 16.24 -21.65 -6.21
C GLU C 138 15.00 -21.26 -5.42
N GLU C 139 15.10 -21.16 -4.10
CA GLU C 139 13.92 -20.93 -3.28
C GLU C 139 13.28 -19.58 -3.60
N ARG C 140 14.09 -18.52 -3.64
CA ARG C 140 13.54 -17.21 -3.96
C ARG C 140 13.10 -17.12 -5.42
N MET C 141 13.82 -17.78 -6.33
CA MET C 141 13.39 -17.76 -7.73
C MET C 141 12.02 -18.40 -7.89
N LYS C 142 11.80 -19.56 -7.24
CA LYS C 142 10.51 -20.23 -7.36
C LYS C 142 9.40 -19.39 -6.73
N THR C 143 9.67 -18.80 -5.56
CA THR C 143 8.68 -17.95 -4.91
C THR C 143 8.27 -16.80 -5.82
N TRP C 144 9.25 -16.13 -6.42
CA TRP C 144 8.95 -14.96 -7.23
C TRP C 144 8.24 -15.33 -8.53
N LEU C 145 8.66 -16.41 -9.18
CA LEU C 145 7.95 -16.81 -10.40
C LEU C 145 6.51 -17.19 -10.10
N HIS C 146 6.25 -17.71 -8.90
CA HIS C 146 4.88 -18.00 -8.50
C HIS C 146 4.10 -16.73 -8.20
N THR C 147 4.72 -15.81 -7.45
CA THR C 147 4.09 -14.51 -7.19
C THR C 147 3.74 -13.81 -8.50
N LEU C 148 4.62 -13.90 -9.50
CA LEU C 148 4.39 -13.28 -10.79
C LEU C 148 3.53 -14.12 -11.72
N SER C 149 3.29 -15.39 -11.39
CA SER C 149 2.62 -16.33 -12.28
C SER C 149 3.23 -16.27 -13.68
N TYR C 150 4.55 -16.47 -13.73
CA TYR C 150 5.34 -16.30 -14.96
C TYR C 150 5.39 -17.62 -15.72
N GLY C 151 4.53 -17.74 -16.73
CA GLY C 151 4.52 -18.94 -17.57
C GLY C 151 4.27 -20.19 -16.76
N ASN C 152 4.97 -21.27 -17.13
CA ASN C 152 4.82 -22.53 -16.41
C ASN C 152 5.63 -22.58 -15.11
N GLU C 153 6.39 -21.52 -14.78
CA GLU C 153 7.13 -21.39 -13.52
C GLU C 153 8.13 -22.51 -13.27
N ASP C 154 8.58 -23.21 -14.31
CA ASP C 154 9.32 -24.47 -14.13
C ASP C 154 10.82 -24.19 -14.22
N ILE C 155 11.50 -24.22 -13.07
CA ILE C 155 12.94 -23.99 -13.02
C ILE C 155 13.71 -25.29 -12.81
N SER C 156 13.08 -26.43 -13.10
CA SER C 156 13.73 -27.72 -12.88
C SER C 156 14.94 -27.94 -13.78
N GLY C 157 15.11 -27.12 -14.82
CA GLY C 157 16.30 -27.22 -15.67
C GLY C 157 17.59 -26.74 -15.01
N GLY C 158 17.50 -26.14 -13.83
CA GLY C 158 18.70 -25.65 -13.16
C GLY C 158 18.69 -24.15 -12.94
N ILE C 159 19.21 -23.71 -11.79
CA ILE C 159 19.04 -22.34 -11.35
C ILE C 159 19.64 -21.33 -12.34
N ASP C 160 20.71 -21.71 -13.05
CA ASP C 160 21.30 -20.79 -14.00
C ASP C 160 21.15 -21.26 -15.45
N GLN C 161 20.18 -22.13 -15.70
CA GLN C 161 19.91 -22.65 -17.04
C GLN C 161 18.46 -22.60 -17.45
N PHE C 162 17.53 -22.41 -16.52
CA PHE C 162 16.13 -22.78 -16.78
C PHE C 162 15.48 -21.93 -17.85
N TRP C 163 15.99 -20.72 -18.11
CA TRP C 163 15.37 -19.83 -19.08
C TRP C 163 16.00 -19.94 -20.47
N LEU C 164 17.02 -20.78 -20.64
CA LEU C 164 17.77 -20.90 -21.88
C LEU C 164 17.45 -22.24 -22.55
N GLN C 165 16.40 -22.25 -23.37
CA GLN C 165 15.98 -23.43 -24.11
C GLN C 165 15.88 -24.63 -23.17
N SER C 166 15.15 -24.44 -22.09
CA SER C 166 15.16 -25.39 -21.00
C SER C 166 13.74 -25.54 -20.47
N SER C 167 13.59 -25.66 -19.15
CA SER C 167 12.31 -26.06 -18.57
C SER C 167 11.27 -24.94 -18.54
N LEU C 168 11.69 -23.68 -18.42
CA LEU C 168 10.73 -22.59 -18.26
C LEU C 168 10.17 -22.17 -19.61
N THR C 169 8.84 -22.02 -19.68
CA THR C 169 8.19 -21.57 -20.90
C THR C 169 7.12 -20.54 -20.53
N ILE C 170 6.81 -19.67 -21.49
CA ILE C 170 5.81 -18.61 -21.33
C ILE C 170 5.26 -18.26 -22.71
N SER C 171 3.95 -17.98 -22.79
CA SER C 171 3.43 -17.66 -24.10
C SER C 171 3.55 -16.18 -24.42
N PRO C 172 3.49 -15.81 -25.70
CA PRO C 172 3.46 -14.38 -26.05
C PRO C 172 2.35 -13.61 -25.34
N LEU C 173 1.17 -14.20 -25.17
CA LEU C 173 0.11 -13.50 -24.43
C LEU C 173 0.47 -13.30 -22.98
N GLU C 174 1.11 -14.31 -22.37
CA GLU C 174 1.55 -14.19 -20.97
C GLU C 174 2.66 -13.15 -20.83
N GLN C 175 3.56 -13.08 -21.80
CA GLN C 175 4.59 -12.04 -21.80
C GLN C 175 3.95 -10.65 -21.88
N GLU C 176 2.95 -10.50 -22.75
CA GLU C 176 2.26 -9.22 -22.85
CA GLU C 176 2.25 -9.23 -22.87
C GLU C 176 1.65 -8.82 -21.53
N THR C 177 0.97 -9.76 -20.86
CA THR C 177 0.34 -9.44 -19.58
C THR C 177 1.37 -8.98 -18.57
N PHE C 178 2.51 -9.68 -18.51
CA PHE C 178 3.57 -9.32 -17.58
C PHE C 178 4.14 -7.93 -17.91
N LEU C 179 4.43 -7.68 -19.19
CA LEU C 179 5.03 -6.40 -19.55
C LEU C 179 4.05 -5.26 -19.39
N GLU C 180 2.75 -5.50 -19.64
CA GLU C 180 1.75 -4.47 -19.39
CA GLU C 180 1.75 -4.48 -19.38
C GLU C 180 1.75 -4.07 -17.91
N LYS C 181 1.88 -5.05 -17.00
CA LYS C 181 1.93 -4.74 -15.58
C LYS C 181 3.22 -3.99 -15.23
N LEU C 182 4.34 -4.32 -15.89
CA LEU C 182 5.57 -3.57 -15.67
C LEU C 182 5.42 -2.13 -16.16
N ALA C 183 4.84 -1.95 -17.35
CA ALA C 183 4.60 -0.60 -17.86
C ALA C 183 3.76 0.20 -16.87
N LYS C 184 2.67 -0.39 -16.39
CA LYS C 184 1.78 0.27 -15.44
C LYS C 184 2.31 0.24 -14.02
N GLU C 185 3.44 -0.43 -13.78
CA GLU C 185 4.02 -0.57 -12.44
C GLU C 185 3.00 -1.14 -11.46
N GLU C 186 2.26 -2.14 -11.93
CA GLU C 186 1.34 -2.91 -11.09
C GLU C 186 1.95 -4.20 -10.56
N LEU C 187 3.22 -4.44 -10.85
CA LEU C 187 3.88 -5.61 -10.32
C LEU C 187 4.27 -5.39 -8.85
N PRO C 188 4.40 -6.48 -8.06
CA PRO C 188 4.82 -6.37 -6.66
C PRO C 188 6.32 -6.14 -6.47
N PHE C 189 6.83 -5.11 -7.15
CA PHE C 189 8.19 -4.66 -6.96
C PHE C 189 8.15 -3.20 -6.50
N ASP C 190 9.21 -2.79 -5.81
CA ASP C 190 9.38 -1.38 -5.49
C ASP C 190 9.30 -0.55 -6.77
N LYS C 191 8.62 0.59 -6.70
CA LYS C 191 8.53 1.45 -7.88
C LYS C 191 9.90 1.87 -8.41
N PRO C 192 10.88 2.24 -7.58
CA PRO C 192 12.20 2.54 -8.14
C PRO C 192 12.86 1.37 -8.85
N VAL C 193 12.61 0.14 -8.40
CA VAL C 193 13.16 -1.04 -9.07
C VAL C 193 12.60 -1.15 -10.49
N MET C 194 11.30 -0.91 -10.66
CA MET C 194 10.70 -1.01 -11.98
C MET C 194 11.16 0.12 -12.90
N LYS C 195 11.38 1.32 -12.33
CA LYS C 195 11.92 2.41 -13.13
C LYS C 195 13.31 2.07 -13.65
N ILE C 196 14.15 1.47 -12.80
CA ILE C 196 15.52 1.13 -13.19
C ILE C 196 15.51 0.11 -14.32
N VAL C 197 14.70 -0.94 -14.17
CA VAL C 197 14.71 -2.01 -15.17
C VAL C 197 14.15 -1.50 -16.50
N LYS C 198 13.09 -0.69 -16.46
CA LYS C 198 12.61 -0.12 -17.71
C LYS C 198 13.66 0.75 -18.37
N ARG C 199 14.38 1.57 -17.59
CA ARG C 199 15.44 2.40 -18.16
C ARG C 199 16.53 1.52 -18.79
N MET C 200 16.84 0.39 -18.15
CA MET C 200 17.83 -0.53 -18.72
C MET C 200 17.39 -1.11 -20.05
N MET C 201 16.09 -1.14 -20.33
CA MET C 201 15.59 -1.66 -21.59
C MET C 201 15.61 -0.66 -22.73
N ILE C 202 15.98 0.59 -22.49
CA ILE C 202 15.94 1.58 -23.57
C ILE C 202 16.91 1.18 -24.66
N GLN C 203 16.41 1.15 -25.89
CA GLN C 203 17.22 0.87 -27.07
C GLN C 203 17.47 2.08 -27.94
N GLU C 204 16.50 2.97 -28.08
CA GLU C 204 16.59 4.14 -28.93
C GLU C 204 15.84 5.28 -28.26
N GLU C 205 16.50 6.44 -28.14
CA GLU C 205 15.87 7.67 -27.69
C GLU C 205 15.96 8.69 -28.81
N GLY C 206 14.87 8.84 -29.56
CA GLY C 206 14.81 9.83 -30.63
C GLY C 206 14.23 11.15 -30.17
N ASP C 207 14.00 12.03 -31.16
CA ASP C 207 13.37 13.31 -30.87
C ASP C 207 11.92 13.14 -30.45
N HIS C 208 11.24 12.12 -30.97
CA HIS C 208 9.80 12.02 -30.79
C HIS C 208 9.35 10.68 -30.22
N TYR C 209 10.27 9.78 -29.91
CA TYR C 209 9.88 8.47 -29.39
C TYR C 209 11.02 7.90 -28.56
N THR C 210 10.69 6.94 -27.70
CA THR C 210 11.67 6.14 -26.99
C THR C 210 11.28 4.69 -27.14
N LEU C 211 12.20 3.87 -27.65
CA LEU C 211 11.95 2.45 -27.86
C LEU C 211 12.63 1.66 -26.75
N TYR C 212 11.85 0.85 -26.04
CA TYR C 212 12.32 -0.08 -25.02
C TYR C 212 12.20 -1.49 -25.56
N GLY C 213 13.20 -2.34 -25.33
CA GLY C 213 13.09 -3.69 -25.83
C GLY C 213 14.13 -4.64 -25.27
N LYS C 214 13.81 -5.93 -25.36
CA LYS C 214 14.75 -7.01 -25.08
C LYS C 214 14.56 -8.13 -26.09
N THR C 215 15.66 -8.59 -26.66
CA THR C 215 15.64 -9.72 -27.58
C THR C 215 15.85 -11.04 -26.83
N GLY C 216 15.39 -12.11 -27.46
CA GLY C 216 15.85 -13.45 -27.16
C GLY C 216 16.02 -14.19 -28.47
N THR C 217 16.91 -15.19 -28.46
CA THR C 217 17.21 -15.86 -29.71
C THR C 217 17.77 -17.26 -29.46
N ASP C 218 17.45 -18.16 -30.40
CA ASP C 218 17.99 -19.51 -30.45
CA ASP C 218 18.11 -19.47 -30.50
C ASP C 218 17.73 -20.04 -31.86
N MET C 219 18.13 -21.30 -32.09
CA MET C 219 17.85 -21.98 -33.34
C MET C 219 16.36 -22.00 -33.65
N GLY C 220 15.93 -21.20 -34.62
CA GLY C 220 14.55 -21.22 -35.05
C GLY C 220 13.54 -20.63 -34.08
N LEU C 221 13.96 -19.71 -33.22
CA LEU C 221 13.03 -19.12 -32.27
C LEU C 221 13.59 -17.79 -31.79
N GLY C 222 12.77 -16.75 -31.90
CA GLY C 222 13.23 -15.41 -31.57
C GLY C 222 12.15 -14.54 -30.97
N TRP C 223 12.54 -13.69 -30.04
CA TRP C 223 11.65 -12.77 -29.35
C TRP C 223 12.16 -11.34 -29.51
N PHE C 224 11.22 -10.40 -29.55
CA PHE C 224 11.51 -9.01 -29.24
C PHE C 224 10.29 -8.46 -28.51
N VAL C 225 10.50 -8.01 -27.28
CA VAL C 225 9.40 -7.59 -26.40
C VAL C 225 9.79 -6.27 -25.77
N GLY C 226 8.80 -5.41 -25.52
CA GLY C 226 9.13 -4.14 -24.89
C GLY C 226 8.01 -3.12 -24.98
N PHE C 227 8.41 -1.85 -25.08
CA PHE C 227 7.51 -0.70 -25.07
C PHE C 227 7.97 0.32 -26.08
N ILE C 228 7.04 1.16 -26.52
CA ILE C 228 7.39 2.37 -27.25
C ILE C 228 6.57 3.52 -26.69
N LYS C 229 7.24 4.59 -26.30
CA LYS C 229 6.62 5.83 -25.87
C LYS C 229 6.71 6.84 -27.00
N THR C 230 5.56 7.42 -27.37
CA THR C 230 5.50 8.47 -28.38
C THR C 230 4.91 9.73 -27.74
N GLU C 231 4.80 10.79 -28.54
CA GLU C 231 4.14 12.01 -28.07
C GLU C 231 2.63 11.88 -28.04
N HIS C 232 2.09 10.74 -28.48
CA HIS C 232 0.64 10.55 -28.56
C HIS C 232 0.25 9.19 -28.00
N GLY C 233 0.92 8.77 -26.93
CA GLY C 233 0.57 7.55 -26.23
C GLY C 233 1.74 6.59 -26.14
N SER C 234 1.51 5.53 -25.37
CA SER C 234 2.53 4.53 -25.12
C SER C 234 1.93 3.15 -25.37
N TYR C 235 2.79 2.22 -25.74
CA TYR C 235 2.35 0.91 -26.20
C TYR C 235 3.27 -0.17 -25.64
N VAL C 236 2.70 -1.35 -25.44
CA VAL C 236 3.43 -2.59 -25.14
C VAL C 236 3.40 -3.46 -26.38
N PHE C 237 4.52 -4.10 -26.71
CA PHE C 237 4.54 -5.03 -27.84
C PHE C 237 5.26 -6.32 -27.45
N VAL C 238 4.83 -7.41 -28.10
CA VAL C 238 5.47 -8.71 -28.00
C VAL C 238 5.51 -9.32 -29.40
N THR C 239 6.70 -9.70 -29.85
CA THR C 239 6.89 -10.39 -31.11
C THR C 239 7.63 -11.69 -30.86
N ASN C 240 7.17 -12.76 -31.49
CA ASN C 240 7.79 -14.06 -31.38
C ASN C 240 7.73 -14.72 -32.75
N VAL C 241 8.86 -15.24 -33.24
CA VAL C 241 8.96 -15.74 -34.61
C VAL C 241 9.77 -17.03 -34.64
N ASP C 242 9.56 -17.81 -35.70
CA ASP C 242 10.38 -19.00 -35.99
CA ASP C 242 10.38 -18.99 -35.98
C ASP C 242 11.62 -18.58 -36.77
N ASP C 243 12.40 -17.71 -36.15
CA ASP C 243 13.58 -17.11 -36.73
C ASP C 243 14.38 -16.50 -35.58
N SER C 244 15.38 -15.69 -35.89
CA SER C 244 16.23 -15.14 -34.85
C SER C 244 15.56 -13.98 -34.13
N GLY C 245 16.12 -13.63 -32.96
CA GLY C 245 15.71 -12.42 -32.29
C GLY C 245 15.96 -11.17 -33.11
N THR C 246 17.00 -11.17 -33.94
CA THR C 246 17.24 -10.05 -34.84
C THR C 246 16.08 -9.88 -35.81
N LYS C 247 15.58 -10.99 -36.37
CA LYS C 247 14.42 -10.92 -37.25
C LYS C 247 13.18 -10.46 -36.49
N ALA C 248 12.99 -10.95 -35.27
CA ALA C 248 11.86 -10.49 -34.46
C ALA C 248 11.91 -8.98 -34.26
N LYS C 249 13.11 -8.45 -34.00
CA LYS C 249 13.24 -7.01 -33.80
C LYS C 249 12.99 -6.24 -35.08
N ASN C 250 13.54 -6.71 -36.21
CA ASN C 250 13.35 -6.02 -37.48
C ASN C 250 11.88 -5.95 -37.87
N ILE C 251 11.15 -7.06 -37.71
CA ILE C 251 9.71 -7.06 -37.97
C ILE C 251 9.00 -6.03 -37.10
N THR C 252 9.32 -6.02 -35.80
CA THR C 252 8.71 -5.07 -34.88
C THR C 252 8.97 -3.63 -35.31
N VAL C 253 10.24 -3.31 -35.57
CA VAL C 253 10.60 -1.94 -35.93
C VAL C 253 9.92 -1.55 -37.24
N ASP C 254 9.85 -2.49 -38.20
CA ASP C 254 9.18 -2.20 -39.46
C ASP C 254 7.71 -1.87 -39.24
N ILE C 255 7.04 -2.63 -38.37
CA ILE C 255 5.65 -2.36 -38.06
C ILE C 255 5.50 -1.01 -37.39
N LEU C 256 6.35 -0.73 -36.39
CA LEU C 256 6.25 0.55 -35.69
C LEU C 256 6.59 1.71 -36.60
N LYS C 257 7.49 1.51 -37.57
CA LYS C 257 7.77 2.56 -38.55
C LYS C 257 6.59 2.76 -39.48
N LYS C 258 5.99 1.66 -39.95
CA LYS C 258 4.89 1.76 -40.89
C LYS C 258 3.75 2.58 -40.33
N TYR C 259 3.48 2.43 -39.02
CA TYR C 259 2.36 3.11 -38.38
C TYR C 259 2.79 4.38 -37.66
N GLY C 260 3.99 4.88 -37.96
CA GLY C 260 4.37 6.22 -37.53
C GLY C 260 4.71 6.36 -36.06
N LEU C 261 4.94 5.26 -35.35
CA LEU C 261 5.37 5.32 -33.96
C LEU C 261 6.87 5.55 -33.84
N ILE C 262 7.65 4.96 -34.74
CA ILE C 262 9.07 5.29 -34.87
C ILE C 262 9.21 6.25 -36.05
N THR C 263 9.59 7.49 -35.76
CA THR C 263 9.91 8.43 -36.83
C THR C 263 11.36 8.86 -36.71
N SER C 264 11.61 9.82 -35.83
CA SER C 264 12.95 10.32 -35.58
C SER C 264 13.05 10.89 -34.18
N HIS D 31 -0.09 25.39 -15.72
CA HIS D 31 1.30 25.74 -16.00
C HIS D 31 1.82 26.79 -15.02
N LEU D 32 3.04 26.58 -14.52
CA LEU D 32 3.61 27.46 -13.51
C LEU D 32 4.26 28.67 -14.17
N ASN D 33 3.85 29.87 -13.74
CA ASN D 33 4.45 31.12 -14.18
C ASN D 33 5.55 31.50 -13.20
N VAL D 34 6.80 31.42 -13.66
CA VAL D 34 7.93 31.59 -12.73
C VAL D 34 8.09 33.03 -12.24
N SER D 35 7.57 34.00 -12.98
CA SER D 35 7.82 35.40 -12.64
C SER D 35 7.21 35.77 -11.28
N LYS D 36 6.17 35.06 -10.86
CA LYS D 36 5.52 35.35 -9.59
C LYS D 36 6.08 34.56 -8.43
N MET D 37 7.21 33.89 -8.61
CA MET D 37 7.76 33.07 -7.54
C MET D 37 8.39 33.93 -6.45
N ASN D 38 8.45 33.36 -5.25
CA ASN D 38 9.23 33.91 -4.14
C ASN D 38 9.81 32.74 -3.37
N VAL D 39 11.13 32.73 -3.21
CA VAL D 39 11.80 31.63 -2.53
C VAL D 39 12.58 32.17 -1.34
N ASP D 40 12.13 33.30 -0.80
CA ASP D 40 12.85 33.92 0.31
C ASP D 40 12.94 32.99 1.50
N ASP D 41 11.88 32.24 1.78
CA ASP D 41 11.85 31.41 2.98
C ASP D 41 12.78 30.20 2.90
N GLU D 42 13.13 29.76 1.70
CA GLU D 42 14.10 28.68 1.57
C GLU D 42 15.51 29.17 1.84
N PHE D 43 15.78 30.45 1.63
CA PHE D 43 17.11 31.01 1.77
C PHE D 43 17.25 31.86 3.03
N LYS D 44 16.33 31.73 3.98
CA LYS D 44 16.37 32.55 5.20
C LYS D 44 17.72 32.45 5.88
N ASP D 45 18.18 31.22 6.15
CA ASP D 45 19.43 30.98 6.85
C ASP D 45 20.56 30.57 5.91
N THR D 46 20.49 30.97 4.64
CA THR D 46 21.45 30.53 3.64
C THR D 46 21.77 31.66 2.67
N ASP D 47 23.06 31.92 2.48
CA ASP D 47 23.52 32.80 1.41
C ASP D 47 23.55 31.99 0.11
N GLY D 48 22.68 32.33 -0.83
CA GLY D 48 22.62 31.53 -2.05
C GLY D 48 21.84 32.20 -3.15
N THR D 49 21.80 31.53 -4.30
CA THR D 49 21.08 32.04 -5.45
C THR D 49 20.30 30.89 -6.09
N PHE D 50 19.18 31.23 -6.72
CA PHE D 50 18.31 30.24 -7.37
C PHE D 50 17.85 30.80 -8.70
N ILE D 51 17.97 29.99 -9.76
CA ILE D 51 17.58 30.35 -11.11
C ILE D 51 16.63 29.26 -11.61
N LEU D 52 15.48 29.66 -12.15
CA LEU D 52 14.56 28.73 -12.78
C LEU D 52 14.12 29.30 -14.13
N HIS D 53 14.47 28.61 -15.20
CA HIS D 53 14.13 29.03 -16.55
C HIS D 53 13.01 28.16 -17.10
N ASP D 54 11.89 28.80 -17.43
CA ASP D 54 10.76 28.17 -18.09
C ASP D 54 11.10 28.01 -19.58
N LEU D 55 11.36 26.77 -20.02
CA LEU D 55 11.78 26.57 -21.40
C LEU D 55 10.67 26.96 -22.37
N GLN D 56 9.44 26.49 -22.13
CA GLN D 56 8.36 26.71 -23.07
C GLN D 56 8.06 28.20 -23.26
N LYS D 57 8.04 28.96 -22.17
CA LYS D 57 7.68 30.38 -22.23
C LYS D 57 8.89 31.30 -22.29
N ASP D 58 10.10 30.76 -22.22
CA ASP D 58 11.34 31.55 -22.29
C ASP D 58 11.33 32.69 -21.26
N GLN D 59 11.05 32.31 -20.01
CA GLN D 59 11.05 33.25 -18.89
C GLN D 59 11.91 32.67 -17.77
N THR D 60 12.57 33.55 -17.03
CA THR D 60 13.52 33.17 -16.00
C THR D 60 13.23 33.89 -14.69
N PHE D 61 13.19 33.14 -13.60
CA PHE D 61 13.13 33.68 -12.25
C PHE D 61 14.52 33.59 -11.64
N VAL D 62 14.97 34.67 -11.01
CA VAL D 62 16.28 34.71 -10.36
C VAL D 62 16.12 35.25 -8.94
N TYR D 63 16.61 34.49 -7.97
CA TYR D 63 16.78 34.98 -6.61
C TYR D 63 18.26 35.27 -6.40
N ASN D 64 18.55 36.47 -5.87
CA ASN D 64 19.92 36.94 -5.61
C ASN D 64 20.72 37.02 -6.90
N ARG D 65 20.39 38.05 -7.69
CA ARG D 65 21.02 38.20 -8.99
C ARG D 65 22.51 38.48 -8.88
N LYS D 66 22.92 39.24 -7.85
CA LYS D 66 24.34 39.52 -7.68
C LYS D 66 25.14 38.24 -7.54
N ARG D 67 24.69 37.32 -6.68
CA ARG D 67 25.37 36.04 -6.53
C ARG D 67 25.25 35.20 -7.79
N ALA D 68 24.16 35.35 -8.55
CA ALA D 68 23.99 34.59 -9.78
C ALA D 68 25.05 34.96 -10.81
N ASN D 69 25.70 36.11 -10.67
CA ASN D 69 26.71 36.55 -11.62
C ASN D 69 28.13 36.30 -11.14
N GLN D 70 28.31 35.72 -9.96
CA GLN D 70 29.63 35.51 -9.39
C GLN D 70 30.16 34.16 -9.81
N ARG D 71 31.28 34.17 -10.56
CA ARG D 71 31.89 32.93 -10.99
C ARG D 71 32.49 32.19 -9.79
N GLN D 72 32.26 30.88 -9.74
CA GLN D 72 32.77 30.02 -8.69
C GLN D 72 33.23 28.71 -9.31
N THR D 73 34.03 27.96 -8.56
CA THR D 73 34.51 26.68 -9.07
C THR D 73 33.32 25.75 -9.27
N PRO D 74 33.25 25.01 -10.38
CA PRO D 74 32.09 24.15 -10.62
C PRO D 74 32.03 22.91 -9.75
N GLN D 75 33.14 22.47 -9.19
CA GLN D 75 33.20 21.21 -8.44
C GLN D 75 32.68 20.09 -9.35
N SER D 76 32.00 19.10 -8.78
CA SER D 76 31.60 17.96 -9.60
C SER D 76 30.43 18.26 -10.55
N THR D 77 29.86 19.48 -10.56
CA THR D 77 28.95 19.80 -11.66
C THR D 77 29.68 19.76 -12.99
N PHE D 78 31.02 19.81 -12.98
CA PHE D 78 31.75 19.71 -14.23
C PHE D 78 31.68 18.32 -14.83
N LYS D 79 31.31 17.30 -14.04
CA LYS D 79 31.21 15.94 -14.59
C LYS D 79 30.23 15.90 -15.75
N VAL D 80 29.21 16.77 -15.77
CA VAL D 80 28.29 16.80 -16.91
C VAL D 80 29.06 17.09 -18.19
N VAL D 81 29.94 18.10 -18.16
CA VAL D 81 30.73 18.49 -19.32
C VAL D 81 31.74 17.41 -19.68
N ASN D 82 32.46 16.90 -18.67
CA ASN D 82 33.44 15.85 -18.88
C ASN D 82 32.82 14.64 -19.58
N ALA D 83 31.63 14.23 -19.13
CA ALA D 83 30.96 13.08 -19.74
C ALA D 83 30.58 13.36 -21.18
N LEU D 84 30.03 14.56 -21.47
CA LEU D 84 29.65 14.89 -22.83
C LEU D 84 30.85 14.81 -23.76
N ILE D 85 31.94 15.51 -23.42
CA ILE D 85 33.14 15.50 -24.25
C ILE D 85 33.71 14.08 -24.35
N GLY D 86 33.75 13.37 -23.21
CA GLY D 86 34.35 12.04 -23.22
C GLY D 86 33.62 11.08 -24.12
N LEU D 87 32.28 11.11 -24.09
CA LEU D 87 31.51 10.25 -24.99
C LEU D 87 31.67 10.70 -26.43
N GLN D 88 31.66 12.02 -26.67
CA GLN D 88 31.75 12.53 -28.03
C GLN D 88 33.03 12.07 -28.72
N VAL D 89 34.17 12.15 -28.01
CA VAL D 89 35.46 11.78 -28.59
C VAL D 89 35.77 10.31 -28.40
N LYS D 90 34.85 9.54 -27.82
CA LYS D 90 34.94 8.09 -27.64
C LYS D 90 36.08 7.71 -26.70
N ALA D 91 36.41 8.61 -25.77
CA ALA D 91 37.27 8.24 -24.65
C ALA D 91 36.57 7.28 -23.70
N VAL D 92 35.22 7.31 -23.67
CA VAL D 92 34.40 6.33 -22.98
C VAL D 92 33.30 5.89 -23.93
N ARG D 93 32.79 4.66 -23.70
CA ARG D 93 31.89 3.99 -24.63
CA ARG D 93 31.90 4.00 -24.64
C ARG D 93 30.42 4.37 -24.40
N ASP D 94 29.98 4.34 -23.15
CA ASP D 94 28.59 4.61 -22.77
C ASP D 94 28.58 4.75 -21.26
N GLU D 95 27.38 4.82 -20.68
CA GLU D 95 27.24 5.01 -19.25
C GLU D 95 27.74 3.83 -18.43
N TYR D 96 27.97 2.69 -19.07
CA TYR D 96 28.42 1.48 -18.39
C TYR D 96 29.91 1.21 -18.59
N ASP D 97 30.68 2.20 -19.01
CA ASP D 97 32.11 1.99 -19.27
C ASP D 97 32.84 1.82 -17.93
N VAL D 98 33.34 0.61 -17.67
CA VAL D 98 33.91 0.27 -16.37
C VAL D 98 35.38 0.69 -16.31
N LYS D 99 35.73 1.43 -15.28
CA LYS D 99 37.13 1.61 -14.88
C LYS D 99 37.31 0.93 -13.53
N ARG D 100 38.26 0.01 -13.46
CA ARG D 100 38.46 -0.78 -12.25
C ARG D 100 39.18 0.01 -11.17
N TRP D 101 38.72 -0.20 -9.92
CA TRP D 101 39.46 0.23 -8.75
C TRP D 101 40.78 -0.53 -8.65
N ASP D 102 41.84 0.16 -8.23
CA ASP D 102 43.16 -0.48 -8.15
C ASP D 102 43.38 -1.25 -6.86
N GLY D 103 42.38 -1.33 -5.99
CA GLY D 103 42.51 -2.09 -4.76
C GLY D 103 43.16 -1.35 -3.61
N VAL D 104 43.53 -0.08 -3.80
CA VAL D 104 44.17 0.71 -2.75
C VAL D 104 43.08 1.36 -1.91
N LYS D 105 43.05 1.04 -0.63
CA LYS D 105 42.05 1.63 0.25
C LYS D 105 42.39 3.09 0.48
N ARG D 106 41.49 3.99 0.07
CA ARG D 106 41.66 5.41 0.29
C ARG D 106 40.59 5.90 1.25
N GLU D 107 40.56 7.23 1.45
CA GLU D 107 39.89 7.78 2.62
C GLU D 107 38.37 7.57 2.56
N PHE D 108 37.77 7.73 1.40
CA PHE D 108 36.32 7.65 1.26
C PHE D 108 35.92 6.35 0.58
N GLU D 109 34.87 5.70 1.10
CA GLU D 109 34.47 4.39 0.60
C GLU D 109 33.88 4.45 -0.80
N SER D 110 33.39 5.62 -1.24
CA SER D 110 33.01 5.78 -2.64
C SER D 110 34.18 5.49 -3.57
N TRP D 111 35.39 5.81 -3.14
CA TRP D 111 36.55 5.63 -3.99
C TRP D 111 37.04 4.20 -4.04
N ASN D 112 36.52 3.31 -3.19
CA ASN D 112 37.11 1.98 -3.04
C ASN D 112 36.26 0.89 -3.70
N ARG D 113 35.84 1.11 -4.95
CA ARG D 113 35.09 0.11 -5.70
C ARG D 113 35.20 0.44 -7.18
N ASP D 114 34.94 -0.57 -8.02
CA ASP D 114 34.87 -0.33 -9.45
C ASP D 114 33.76 0.67 -9.77
N HIS D 115 33.95 1.45 -10.82
CA HIS D 115 32.98 2.47 -11.21
C HIS D 115 32.79 2.50 -12.72
N THR D 116 31.68 3.11 -13.11
CA THR D 116 31.32 3.38 -14.50
C THR D 116 31.14 4.87 -14.66
N LEU D 117 31.06 5.31 -15.93
CA LEU D 117 30.72 6.69 -16.21
C LEU D 117 29.46 7.10 -15.47
N GLY D 118 28.46 6.22 -15.47
CA GLY D 118 27.19 6.54 -14.83
C GLY D 118 27.24 6.48 -13.31
N SER D 119 27.85 5.44 -12.74
CA SER D 119 27.92 5.39 -11.29
C SER D 119 28.70 6.58 -10.74
N ALA D 120 29.75 6.99 -11.45
CA ALA D 120 30.56 8.12 -10.97
C ALA D 120 29.87 9.48 -11.18
N MET D 121 28.79 9.55 -11.95
CA MET D 121 28.01 10.80 -12.02
C MET D 121 27.20 11.02 -10.74
N ARG D 122 27.01 9.99 -9.93
CA ARG D 122 26.11 10.07 -8.78
C ARG D 122 26.81 10.16 -7.43
N GLU D 123 28.11 9.91 -7.38
CA GLU D 123 28.87 9.97 -6.14
C GLU D 123 30.26 10.50 -6.47
N SER D 124 31.07 10.67 -5.43
CA SER D 124 32.41 11.25 -5.57
C SER D 124 33.24 10.51 -6.60
N ALA D 125 33.59 9.26 -6.29
CA ALA D 125 34.31 8.36 -7.22
C ALA D 125 35.39 9.13 -7.97
N ILE D 126 36.21 9.86 -7.21
CA ILE D 126 36.95 11.00 -7.77
C ILE D 126 37.84 10.58 -8.93
N TRP D 127 38.43 9.40 -8.86
CA TRP D 127 39.46 9.04 -9.82
C TRP D 127 38.89 8.67 -11.18
N TYR D 128 37.59 8.38 -11.26
CA TYR D 128 37.02 8.00 -12.55
C TYR D 128 37.08 9.16 -13.55
N TYR D 129 36.51 10.30 -13.17
CA TYR D 129 36.47 11.42 -14.11
C TYR D 129 37.82 12.09 -14.26
N GLN D 130 38.71 11.91 -13.29
CA GLN D 130 40.09 12.34 -13.50
C GLN D 130 40.74 11.54 -14.62
N ALA D 131 40.54 10.22 -14.62
CA ALA D 131 41.08 9.39 -15.71
C ALA D 131 40.48 9.80 -17.04
N LEU D 132 39.17 10.08 -17.06
CA LEU D 132 38.53 10.50 -18.29
C LEU D 132 39.12 11.80 -18.80
N ALA D 133 39.34 12.76 -17.90
CA ALA D 133 39.91 14.05 -18.31
C ALA D 133 41.30 13.87 -18.90
N ARG D 134 42.11 12.99 -18.33
CA ARG D 134 43.44 12.75 -18.90
C ARG D 134 43.34 12.17 -20.30
N ASP D 135 42.38 11.26 -20.52
CA ASP D 135 42.22 10.69 -21.84
C ASP D 135 41.72 11.72 -22.85
N ILE D 136 40.84 12.64 -22.43
CA ILE D 136 40.43 13.73 -23.31
C ILE D 136 41.64 14.58 -23.69
N GLY D 137 42.44 14.95 -22.70
CA GLY D 137 43.68 15.65 -22.94
C GLY D 137 43.51 17.15 -23.01
N GLU D 138 44.64 17.86 -22.81
CA GLU D 138 44.62 19.32 -22.72
C GLU D 138 44.04 19.96 -23.96
N GLU D 139 44.50 19.53 -25.14
CA GLU D 139 44.13 20.25 -26.37
C GLU D 139 42.64 20.12 -26.64
N ARG D 140 42.10 18.90 -26.58
CA ARG D 140 40.68 18.72 -26.82
C ARG D 140 39.84 19.36 -25.74
N MET D 141 40.30 19.32 -24.48
CA MET D 141 39.55 19.96 -23.41
C MET D 141 39.43 21.46 -23.64
N LYS D 142 40.54 22.11 -24.03
CA LYS D 142 40.52 23.54 -24.30
C LYS D 142 39.56 23.87 -25.44
N THR D 143 39.63 23.08 -26.52
CA THR D 143 38.76 23.32 -27.67
C THR D 143 37.29 23.23 -27.27
N TRP D 144 36.93 22.20 -26.50
CA TRP D 144 35.52 22.01 -26.19
C TRP D 144 35.01 23.05 -25.19
N LEU D 145 35.84 23.47 -24.24
CA LEU D 145 35.41 24.52 -23.32
C LEU D 145 35.20 25.84 -24.04
N HIS D 146 35.94 26.08 -25.12
CA HIS D 146 35.69 27.25 -25.95
C HIS D 146 34.37 27.11 -26.70
N THR D 147 34.17 25.97 -27.35
CA THR D 147 32.91 25.71 -28.05
C THR D 147 31.72 25.88 -27.12
N LEU D 148 31.83 25.35 -25.90
CA LEU D 148 30.74 25.42 -24.94
C LEU D 148 30.68 26.75 -24.18
N SER D 149 31.63 27.64 -24.42
CA SER D 149 31.75 28.91 -23.68
C SER D 149 31.52 28.69 -22.19
N TYR D 150 32.34 27.81 -21.61
CA TYR D 150 32.12 27.33 -20.25
C TYR D 150 32.95 28.15 -19.26
N GLY D 151 32.32 29.19 -18.72
CA GLY D 151 32.98 29.98 -17.70
C GLY D 151 34.22 30.68 -18.20
N ASN D 152 35.24 30.76 -17.35
CA ASN D 152 36.50 31.36 -17.74
C ASN D 152 37.38 30.42 -18.56
N GLU D 153 36.94 29.17 -18.79
CA GLU D 153 37.62 28.20 -19.65
C GLU D 153 39.05 27.91 -19.22
N ASP D 154 39.38 28.17 -17.96
CA ASP D 154 40.77 28.14 -17.49
C ASP D 154 41.08 26.78 -16.90
N ILE D 155 41.87 25.98 -17.61
CA ILE D 155 42.23 24.64 -17.14
C ILE D 155 43.68 24.58 -16.65
N SER D 156 44.30 25.74 -16.40
CA SER D 156 45.70 25.81 -16.00
C SER D 156 45.98 25.16 -14.65
N GLY D 157 44.96 24.87 -13.85
CA GLY D 157 45.19 24.21 -12.58
C GLY D 157 45.58 22.75 -12.69
N GLY D 158 45.45 22.15 -13.88
CA GLY D 158 45.82 20.77 -14.08
C GLY D 158 44.75 20.00 -14.82
N ILE D 159 45.15 19.16 -15.78
CA ILE D 159 44.18 18.50 -16.67
C ILE D 159 43.17 17.66 -15.89
N ASP D 160 43.56 17.07 -14.76
CA ASP D 160 42.59 16.32 -13.96
C ASP D 160 42.32 16.97 -12.60
N GLN D 161 42.54 18.27 -12.48
CA GLN D 161 42.30 18.99 -11.24
C GLN D 161 41.53 20.30 -11.43
N PHE D 162 41.36 20.79 -12.66
CA PHE D 162 41.00 22.19 -12.85
C PHE D 162 39.58 22.52 -12.39
N TRP D 163 38.71 21.52 -12.24
CA TRP D 163 37.35 21.78 -11.81
C TRP D 163 37.16 21.66 -10.30
N LEU D 164 38.23 21.35 -9.57
CA LEU D 164 38.16 21.08 -8.13
C LEU D 164 38.87 22.19 -7.36
N GLN D 165 38.09 23.17 -6.90
CA GLN D 165 38.56 24.35 -6.17
C GLN D 165 39.89 24.85 -6.77
N SER D 166 39.83 25.10 -8.08
CA SER D 166 41.06 25.35 -8.84
C SER D 166 40.83 26.48 -9.84
N SER D 167 41.38 26.34 -11.05
CA SER D 167 41.46 27.47 -11.97
C SER D 167 40.13 27.77 -12.66
N LEU D 168 39.33 26.75 -12.95
CA LEU D 168 38.11 26.94 -13.72
C LEU D 168 37.02 27.49 -12.82
N THR D 169 36.32 28.52 -13.29
CA THR D 169 35.20 29.12 -12.58
C THR D 169 34.08 29.39 -13.57
N ILE D 170 32.86 29.46 -13.04
CA ILE D 170 31.66 29.66 -13.85
C ILE D 170 30.59 30.21 -12.93
N SER D 171 29.80 31.16 -13.43
CA SER D 171 28.72 31.72 -12.63
C SER D 171 27.46 30.85 -12.72
N PRO D 172 26.57 30.96 -11.73
CA PRO D 172 25.27 30.28 -11.86
C PRO D 172 24.53 30.63 -13.14
N LEU D 173 24.56 31.90 -13.56
CA LEU D 173 23.90 32.28 -14.81
C LEU D 173 24.56 31.61 -16.01
N GLU D 174 25.88 31.47 -15.98
CA GLU D 174 26.57 30.77 -17.08
C GLU D 174 26.25 29.29 -17.06
N GLN D 175 26.08 28.70 -15.88
CA GLN D 175 25.63 27.31 -15.80
C GLN D 175 24.23 27.16 -16.41
N GLU D 176 23.33 28.10 -16.11
CA GLU D 176 21.99 28.04 -16.68
C GLU D 176 22.06 28.03 -18.20
N THR D 177 22.85 28.94 -18.78
CA THR D 177 22.97 29.04 -20.23
C THR D 177 23.46 27.73 -20.83
N PHE D 178 24.47 27.12 -20.22
CA PHE D 178 24.98 25.85 -20.72
C PHE D 178 23.92 24.76 -20.59
N LEU D 179 23.28 24.66 -19.42
CA LEU D 179 22.31 23.58 -19.22
C LEU D 179 21.07 23.77 -20.06
N GLU D 180 20.73 25.02 -20.39
CA GLU D 180 19.63 25.25 -21.31
C GLU D 180 19.94 24.68 -22.69
N LYS D 181 21.17 24.87 -23.16
CA LYS D 181 21.58 24.27 -24.44
C LYS D 181 21.48 22.76 -24.38
N LEU D 182 21.92 22.15 -23.26
CA LEU D 182 21.86 20.71 -23.13
C LEU D 182 20.42 20.22 -23.09
N ALA D 183 19.57 20.91 -22.30
CA ALA D 183 18.17 20.50 -22.23
C ALA D 183 17.52 20.53 -23.60
N LYS D 184 17.78 21.60 -24.37
CA LYS D 184 17.22 21.71 -25.72
C LYS D 184 17.96 20.87 -26.75
N GLU D 185 19.07 20.23 -26.35
CA GLU D 185 19.95 19.49 -27.25
C GLU D 185 20.41 20.36 -28.42
N GLU D 186 20.63 21.64 -28.12
CA GLU D 186 21.20 22.59 -29.06
C GLU D 186 22.69 22.74 -28.83
N LEU D 187 23.39 21.65 -28.61
CA LEU D 187 24.83 21.58 -28.56
C LEU D 187 25.32 20.75 -29.74
N PRO D 188 26.58 20.93 -30.17
CA PRO D 188 27.07 20.18 -31.33
C PRO D 188 27.51 18.76 -31.02
N PHE D 189 27.01 18.17 -29.94
CA PHE D 189 27.27 16.76 -29.65
C PHE D 189 26.35 15.86 -30.46
N ASP D 190 26.82 14.65 -30.74
CA ASP D 190 25.96 13.63 -31.33
C ASP D 190 24.76 13.38 -30.42
N LYS D 191 23.62 13.07 -31.04
CA LYS D 191 22.39 12.90 -30.24
C LYS D 191 22.52 11.85 -29.15
N PRO D 192 23.06 10.65 -29.39
CA PRO D 192 23.15 9.68 -28.29
C PRO D 192 24.01 10.16 -27.14
N VAL D 193 25.01 10.99 -27.41
CA VAL D 193 25.86 11.52 -26.36
C VAL D 193 25.02 12.31 -25.36
N MET D 194 24.14 13.18 -25.87
CA MET D 194 23.31 13.98 -24.97
C MET D 194 22.24 13.13 -24.28
N LYS D 195 21.70 12.14 -24.98
CA LYS D 195 20.70 11.27 -24.35
C LYS D 195 21.32 10.48 -23.20
N ILE D 196 22.54 9.99 -23.38
CA ILE D 196 23.20 9.22 -22.34
C ILE D 196 23.50 10.10 -21.13
N VAL D 197 24.02 11.31 -21.37
CA VAL D 197 24.38 12.17 -20.26
C VAL D 197 23.14 12.57 -19.47
N LYS D 198 22.03 12.88 -20.15
CA LYS D 198 20.79 13.17 -19.45
C LYS D 198 20.36 11.97 -18.60
N ARG D 199 20.39 10.76 -19.16
CA ARG D 199 20.00 9.59 -18.39
C ARG D 199 20.87 9.44 -17.14
N MET D 200 22.18 9.69 -17.27
CA MET D 200 23.07 9.57 -16.12
C MET D 200 22.78 10.61 -15.06
N MET D 201 22.18 11.73 -15.44
CA MET D 201 21.82 12.79 -14.51
C MET D 201 20.49 12.57 -13.81
N ILE D 202 19.75 11.50 -14.13
CA ILE D 202 18.44 11.32 -13.50
C ILE D 202 18.63 11.14 -12.00
N GLN D 203 17.93 11.94 -11.25
CA GLN D 203 17.96 11.90 -9.79
C GLN D 203 16.68 11.32 -9.19
N GLU D 204 15.55 11.68 -9.75
CA GLU D 204 14.25 11.16 -9.33
C GLU D 204 13.40 10.99 -10.56
N GLU D 205 12.69 9.87 -10.64
CA GLU D 205 11.82 9.59 -11.77
C GLU D 205 10.44 9.23 -11.23
N GLY D 206 9.49 10.15 -11.37
CA GLY D 206 8.12 9.91 -10.97
C GLY D 206 7.29 9.43 -12.14
N ASP D 207 5.98 9.37 -11.90
CA ASP D 207 5.06 9.02 -12.98
C ASP D 207 4.82 10.21 -13.92
N HIS D 208 4.92 11.44 -13.41
CA HIS D 208 4.58 12.61 -14.19
C HIS D 208 5.74 13.60 -14.32
N TYR D 209 6.91 13.28 -13.79
CA TYR D 209 8.05 14.19 -13.87
C TYR D 209 9.33 13.36 -13.84
N THR D 210 10.39 13.93 -14.41
CA THR D 210 11.74 13.39 -14.28
C THR D 210 12.66 14.53 -13.85
N LEU D 211 13.38 14.32 -12.74
CA LEU D 211 14.30 15.31 -12.20
C LEU D 211 15.72 14.92 -12.60
N TYR D 212 16.37 15.79 -13.36
CA TYR D 212 17.76 15.64 -13.79
C TYR D 212 18.62 16.64 -13.04
N GLY D 213 19.74 16.18 -12.50
CA GLY D 213 20.57 17.12 -11.75
C GLY D 213 21.91 16.55 -11.35
N LYS D 214 22.81 17.45 -10.97
CA LYS D 214 24.14 17.11 -10.49
C LYS D 214 24.51 18.02 -9.33
N THR D 215 25.01 17.42 -8.25
CA THR D 215 25.50 18.18 -7.11
C THR D 215 26.98 18.52 -7.28
N GLY D 216 27.40 19.54 -6.55
CA GLY D 216 28.81 19.84 -6.37
C GLY D 216 29.02 20.37 -4.97
N THR D 217 30.12 20.02 -4.32
CA THR D 217 30.33 20.48 -2.95
C THR D 217 31.80 20.76 -2.70
N ASP D 218 32.04 21.82 -1.94
CA ASP D 218 33.34 22.13 -1.37
C ASP D 218 33.07 22.71 0.01
N MET D 219 34.13 22.91 0.79
CA MET D 219 34.02 23.62 2.05
C MET D 219 33.33 24.96 1.81
N GLY D 220 32.10 25.10 2.28
CA GLY D 220 31.40 26.37 2.16
C GLY D 220 30.88 26.68 0.78
N LEU D 221 30.72 25.68 -0.09
CA LEU D 221 30.20 25.92 -1.43
C LEU D 221 29.38 24.72 -1.86
N GLY D 222 28.18 24.98 -2.39
CA GLY D 222 27.33 23.91 -2.85
C GLY D 222 26.56 24.25 -4.11
N TRP D 223 26.42 23.26 -5.00
CA TRP D 223 25.69 23.40 -6.24
C TRP D 223 24.66 22.29 -6.36
N PHE D 224 23.51 22.61 -6.95
CA PHE D 224 22.65 21.60 -7.54
C PHE D 224 22.08 22.19 -8.82
N VAL D 225 22.42 21.59 -9.96
CA VAL D 225 22.11 22.17 -11.25
C VAL D 225 21.49 21.08 -12.13
N GLY D 226 20.59 21.49 -13.02
CA GLY D 226 19.96 20.50 -13.87
C GLY D 226 18.68 21.04 -14.51
N PHE D 227 17.73 20.14 -14.75
CA PHE D 227 16.47 20.49 -15.36
C PHE D 227 15.42 19.47 -14.92
N ILE D 228 14.15 19.86 -15.01
CA ILE D 228 13.06 18.97 -14.68
C ILE D 228 12.09 18.91 -15.85
N LYS D 229 11.75 17.70 -16.28
CA LYS D 229 10.73 17.46 -17.30
C LYS D 229 9.41 17.18 -16.59
N THR D 230 8.38 17.94 -16.93
CA THR D 230 7.03 17.69 -16.44
C THR D 230 6.11 17.47 -17.63
N GLU D 231 4.85 17.12 -17.32
CA GLU D 231 3.83 17.03 -18.34
C GLU D 231 3.33 18.39 -18.79
N HIS D 232 3.85 19.48 -18.22
CA HIS D 232 3.48 20.83 -18.59
C HIS D 232 4.71 21.69 -18.80
N GLY D 233 5.68 21.16 -19.56
CA GLY D 233 6.87 21.89 -19.91
C GLY D 233 8.07 21.48 -19.06
N SER D 234 9.26 21.82 -19.56
CA SER D 234 10.51 21.55 -18.86
C SER D 234 11.12 22.84 -18.35
N TYR D 235 11.92 22.72 -17.28
CA TYR D 235 12.50 23.88 -16.61
C TYR D 235 13.95 23.60 -16.28
N VAL D 236 14.81 24.60 -16.48
CA VAL D 236 16.22 24.51 -16.12
C VAL D 236 16.40 25.20 -14.78
N PHE D 237 17.15 24.58 -13.87
CA PHE D 237 17.40 25.20 -12.58
C PHE D 237 18.89 25.21 -12.26
N VAL D 238 19.30 26.25 -11.53
CA VAL D 238 20.64 26.34 -10.97
C VAL D 238 20.49 26.85 -9.54
N THR D 239 21.02 26.09 -8.57
CA THR D 239 21.06 26.48 -7.18
C THR D 239 22.51 26.46 -6.71
N ASN D 240 22.91 27.52 -6.03
CA ASN D 240 24.28 27.68 -5.56
C ASN D 240 24.21 28.35 -4.20
N VAL D 241 24.92 27.79 -3.21
CA VAL D 241 24.79 28.19 -1.82
C VAL D 241 26.16 28.18 -1.15
N ASP D 242 26.26 28.92 -0.04
CA ASP D 242 27.43 28.85 0.83
C ASP D 242 27.32 27.70 1.84
N ASP D 243 26.76 26.59 1.40
CA ASP D 243 26.54 25.40 2.22
C ASP D 243 26.95 24.19 1.39
N SER D 244 26.33 23.04 1.62
CA SER D 244 26.72 21.82 0.92
C SER D 244 25.93 21.66 -0.37
N GLY D 245 26.38 20.71 -1.20
CA GLY D 245 25.56 20.31 -2.34
C GLY D 245 24.24 19.70 -1.92
N THR D 246 24.23 18.98 -0.79
CA THR D 246 22.98 18.41 -0.28
C THR D 246 21.99 19.51 0.09
N LYS D 247 22.46 20.58 0.73
CA LYS D 247 21.57 21.69 1.05
C LYS D 247 21.05 22.35 -0.23
N ALA D 248 21.92 22.53 -1.22
CA ALA D 248 21.48 23.06 -2.51
C ALA D 248 20.39 22.18 -3.10
N LYS D 249 20.56 20.86 -3.04
CA LYS D 249 19.56 19.95 -3.61
C LYS D 249 18.26 19.97 -2.80
N ASN D 250 18.38 19.99 -1.47
CA ASN D 250 17.19 20.02 -0.62
C ASN D 250 16.37 21.29 -0.86
N ILE D 251 17.05 22.44 -0.99
CA ILE D 251 16.36 23.68 -1.30
C ILE D 251 15.67 23.60 -2.65
N THR D 252 16.36 23.03 -3.64
CA THR D 252 15.78 22.90 -4.98
C THR D 252 14.53 22.04 -4.95
N VAL D 253 14.61 20.87 -4.31
CA VAL D 253 13.47 19.96 -4.26
C VAL D 253 12.30 20.60 -3.52
N ASP D 254 12.57 21.34 -2.43
CA ASP D 254 11.50 22.00 -1.69
C ASP D 254 10.81 23.04 -2.56
N ILE D 255 11.57 23.78 -3.37
CA ILE D 255 10.98 24.77 -4.26
C ILE D 255 10.17 24.08 -5.35
N LEU D 256 10.74 23.04 -5.98
CA LEU D 256 10.04 22.37 -7.06
C LEU D 256 8.77 21.67 -6.58
N LYS D 257 8.76 21.20 -5.32
CA LYS D 257 7.55 20.63 -4.75
C LYS D 257 6.52 21.72 -4.47
N LYS D 258 6.95 22.81 -3.86
CA LYS D 258 6.05 23.90 -3.49
C LYS D 258 5.27 24.39 -4.71
N TYR D 259 5.93 24.52 -5.85
CA TYR D 259 5.32 25.05 -7.05
C TYR D 259 4.87 23.97 -8.02
N GLY D 260 4.72 22.73 -7.55
CA GLY D 260 4.02 21.73 -8.31
C GLY D 260 4.73 21.17 -9.53
N LEU D 261 6.05 21.34 -9.61
CA LEU D 261 6.79 20.69 -10.69
C LEU D 261 7.20 19.27 -10.32
N ILE D 262 7.59 19.05 -9.07
CA ILE D 262 7.72 17.71 -8.52
C ILE D 262 6.37 17.32 -7.94
N THR D 263 5.70 16.37 -8.58
CA THR D 263 4.41 15.90 -8.09
C THR D 263 4.52 14.44 -7.69
N SER D 264 4.24 13.55 -8.63
CA SER D 264 4.32 12.12 -8.38
C SER D 264 4.69 11.37 -9.65
#